data_8HG9
#
_entry.id   8HG9
#
_cell.length_a   54.634
_cell.length_b   99.231
_cell.length_c   94.424
_cell.angle_alpha   90.000
_cell.angle_beta   106.490
_cell.angle_gamma   90.000
#
_symmetry.space_group_name_H-M   'P 1 21 1'
#
loop_
_entity.id
_entity.type
_entity.pdbx_description
1 polymer 'cytochrome P450 steroid hydroxylase'
2 non-polymer 'PROTOPORPHYRIN IX CONTAINING FE'
3 water water
#
_entity_poly.entity_id   1
_entity_poly.type   'polypeptide(L)'
_entity_poly.pdbx_seq_one_letter_code
;MLKEVIPVNEITNFKSRAEEFFPIEWYKDMLHHHPVYYHEQTNTWNVFTYEGVKQVLGNYEFFSSAGPRTTIFVGANDKH
EKASPLTNLTLVDPPDHRKGRSLLAAAFTPRSLKNWEPRIKQIAEELVENIQDNNEINIVEALAAPLPSMVIADLFGVPI
QDRAQFKEWVDILFQPYDKERLEDIELQKQNAAKEYFQYLYPIVVQKRSNLSDDIISDLIQAEVDGEKFTDNEIVQVTML
LLGAGVETTSHAIANTFYSLLYDDESLYGELRNDLELVPNAVEEMLRYRFHMSRRDRTVKKDNNLLGVELKEGDVVIAWM
SACNMDHRMFDDPFSINIHRPNNKKHLTFGNGPHFCLGAPLARLEMKIALETFVKKFSSIEPVEGFELEKNLTASATGQS
LTNLPMNVYK
;
_entity_poly.pdbx_strand_id   A,B
#
# COMPACT_ATOMS: atom_id res chain seq x y z
N GLU A 4 24.07 -9.53 1.53
CA GLU A 4 22.73 -9.28 0.98
C GLU A 4 21.67 -9.33 2.07
N VAL A 5 22.08 -9.17 3.33
CA VAL A 5 21.14 -9.19 4.43
C VAL A 5 20.34 -7.88 4.44
N ILE A 6 19.10 -7.97 4.91
CA ILE A 6 18.14 -6.88 4.82
C ILE A 6 18.15 -6.11 6.14
N PRO A 7 18.49 -4.82 6.13
CA PRO A 7 18.40 -4.02 7.37
C PRO A 7 16.97 -3.64 7.70
N VAL A 8 16.34 -4.39 8.60
CA VAL A 8 14.94 -4.16 8.93
C VAL A 8 14.75 -2.85 9.69
N ASN A 9 15.81 -2.31 10.28
CA ASN A 9 15.68 -1.09 11.09
C ASN A 9 15.23 0.10 10.25
N GLU A 10 15.51 0.09 8.94
CA GLU A 10 15.10 1.21 8.09
C GLU A 10 13.61 1.16 7.77
N ILE A 11 13.01 -0.02 7.77
CA ILE A 11 11.57 -0.12 7.54
C ILE A 11 10.80 0.46 8.72
N THR A 12 11.27 0.19 9.93
CA THR A 12 10.58 0.69 11.12
C THR A 12 11.01 2.11 11.45
N ASN A 13 12.32 2.36 11.46
CA ASN A 13 12.89 3.68 11.70
C ASN A 13 12.40 4.25 13.03
N PHE A 14 12.55 3.46 14.09
CA PHE A 14 12.15 3.89 15.42
C PHE A 14 13.11 4.94 15.96
N LYS A 15 12.59 5.81 16.83
CA LYS A 15 13.36 6.89 17.41
C LYS A 15 13.59 6.71 18.90
N SER A 16 13.34 5.52 19.43
CA SER A 16 13.57 5.22 20.84
C SER A 16 13.52 3.71 21.02
N ARG A 17 14.23 3.21 22.04
CA ARG A 17 14.22 1.79 22.34
C ARG A 17 12.86 1.34 22.84
N ALA A 18 12.18 2.19 23.63
CA ALA A 18 10.92 1.79 24.24
C ALA A 18 9.85 1.54 23.19
N GLU A 19 9.84 2.32 22.12
CA GLU A 19 8.87 2.11 21.05
C GLU A 19 9.08 0.77 20.36
N GLU A 20 10.34 0.40 20.13
CA GLU A 20 10.61 -0.89 19.49
C GLU A 20 10.24 -2.06 20.40
N PHE A 21 10.29 -1.86 21.71
CA PHE A 21 9.99 -2.94 22.63
C PHE A 21 8.50 -3.33 22.58
N PHE A 22 7.63 -2.39 22.22
CA PHE A 22 6.19 -2.66 22.11
C PHE A 22 5.59 -1.69 21.11
N PRO A 23 5.83 -1.91 19.82
CA PRO A 23 5.43 -0.95 18.77
C PRO A 23 3.94 -1.01 18.45
N ILE A 24 3.11 -0.70 19.45
CA ILE A 24 1.67 -0.85 19.28
C ILE A 24 1.10 0.24 18.38
N GLU A 25 1.65 1.45 18.44
CA GLU A 25 1.15 2.53 17.58
C GLU A 25 1.56 2.32 16.13
N TRP A 26 2.81 1.87 15.90
CA TRP A 26 3.24 1.58 14.54
C TRP A 26 2.42 0.46 13.91
N TYR A 27 2.13 -0.59 14.69
CA TYR A 27 1.26 -1.66 14.21
C TYR A 27 -0.10 -1.11 13.78
N LYS A 28 -0.67 -0.22 14.58
CA LYS A 28 -1.98 0.36 14.26
C LYS A 28 -1.95 1.05 12.90
N ASP A 29 -0.96 1.92 12.67
CA ASP A 29 -0.89 2.65 11.42
C ASP A 29 -0.74 1.72 10.22
N MET A 30 0.08 0.67 10.35
CA MET A 30 0.33 -0.22 9.23
C MET A 30 -0.85 -1.16 8.98
N LEU A 31 -1.51 -1.64 10.03
CA LEU A 31 -2.70 -2.45 9.82
C LEU A 31 -3.81 -1.65 9.15
N HIS A 32 -3.88 -0.36 9.43
CA HIS A 32 -4.97 0.50 8.97
C HIS A 32 -4.67 1.19 7.64
N HIS A 33 -3.42 1.62 7.42
CA HIS A 33 -3.10 2.44 6.26
C HIS A 33 -2.20 1.74 5.24
N HIS A 34 -1.42 0.75 5.64
CA HIS A 34 -0.47 0.08 4.74
C HIS A 34 -0.48 -1.41 5.01
N PRO A 35 -1.59 -2.10 4.72
CA PRO A 35 -1.62 -3.55 4.97
C PRO A 35 -0.56 -4.31 4.20
N VAL A 36 -0.41 -4.00 2.92
CA VAL A 36 0.72 -4.47 2.12
C VAL A 36 1.49 -3.24 1.68
N TYR A 37 2.75 -3.14 2.12
CA TYR A 37 3.49 -1.89 2.09
C TYR A 37 4.84 -2.09 1.42
N TYR A 38 5.03 -1.47 0.27
CA TYR A 38 6.33 -1.47 -0.40
C TYR A 38 7.19 -0.35 0.16
N HIS A 39 8.41 -0.69 0.56
CA HIS A 39 9.36 0.26 1.13
C HIS A 39 10.48 0.48 0.12
N GLU A 40 10.61 1.73 -0.35
CA GLU A 40 11.52 2.01 -1.47
C GLU A 40 12.98 1.87 -1.07
N GLN A 41 13.34 2.22 0.17
CA GLN A 41 14.76 2.25 0.52
C GLN A 41 15.34 0.86 0.66
N THR A 42 14.53 -0.12 1.08
CA THR A 42 15.00 -1.50 1.23
C THR A 42 14.54 -2.41 0.12
N ASN A 43 13.65 -1.95 -0.77
CA ASN A 43 13.13 -2.75 -1.87
C ASN A 43 12.50 -4.04 -1.35
N THR A 44 11.63 -3.90 -0.35
CA THR A 44 10.96 -5.03 0.28
C THR A 44 9.46 -4.79 0.33
N TRP A 45 8.71 -5.88 0.20
CA TRP A 45 7.27 -5.87 0.44
C TRP A 45 7.01 -6.31 1.88
N ASN A 46 6.12 -5.59 2.56
CA ASN A 46 5.82 -5.84 3.96
C ASN A 46 4.34 -6.13 4.12
N VAL A 47 4.02 -7.25 4.76
CA VAL A 47 2.65 -7.70 4.93
C VAL A 47 2.32 -7.69 6.42
N PHE A 48 1.14 -7.16 6.76
CA PHE A 48 0.73 -7.02 8.14
C PHE A 48 -0.61 -7.68 8.45
N THR A 49 -1.44 -7.93 7.46
CA THR A 49 -2.72 -8.59 7.68
C THR A 49 -2.50 -10.05 8.08
N TYR A 50 -3.41 -10.55 8.92
CA TYR A 50 -3.34 -11.96 9.32
C TYR A 50 -3.47 -12.89 8.12
N GLU A 51 -4.41 -12.60 7.23
CA GLU A 51 -4.59 -13.45 6.05
C GLU A 51 -3.41 -13.34 5.10
N GLY A 52 -2.83 -12.14 4.98
CA GLY A 52 -1.67 -11.98 4.11
C GLY A 52 -0.43 -12.67 4.65
N VAL A 53 -0.15 -12.51 5.93
CA VAL A 53 1.01 -13.17 6.53
C VAL A 53 0.86 -14.69 6.44
N LYS A 54 -0.36 -15.18 6.62
CA LYS A 54 -0.60 -16.62 6.51
C LYS A 54 -0.32 -17.12 5.11
N GLN A 55 -0.66 -16.33 4.08
CA GLN A 55 -0.31 -16.68 2.71
C GLN A 55 1.19 -16.73 2.52
N VAL A 56 1.89 -15.66 2.92
CA VAL A 56 3.34 -15.57 2.70
C VAL A 56 4.05 -16.73 3.41
N LEU A 57 3.74 -16.94 4.69
CA LEU A 57 4.44 -17.96 5.45
C LEU A 57 4.11 -19.36 4.97
N GLY A 58 2.84 -19.65 4.70
CA GLY A 58 2.41 -21.01 4.45
C GLY A 58 2.50 -21.48 3.00
N ASN A 59 2.23 -20.59 2.05
CA ASN A 59 2.12 -20.97 0.64
C ASN A 59 3.52 -21.06 0.05
N TYR A 60 4.12 -22.26 0.19
CA TYR A 60 5.47 -22.48 -0.33
C TYR A 60 5.52 -22.53 -1.85
N GLU A 61 4.38 -22.79 -2.50
CA GLU A 61 4.37 -22.87 -3.96
C GLU A 61 4.76 -21.55 -4.60
N PHE A 62 4.49 -20.43 -3.94
CA PHE A 62 4.79 -19.12 -4.47
C PHE A 62 5.83 -18.34 -3.67
N PHE A 63 6.08 -18.72 -2.41
CA PHE A 63 6.96 -17.98 -1.53
C PHE A 63 8.02 -18.93 -1.00
N SER A 64 9.28 -18.63 -1.32
CA SER A 64 10.39 -19.53 -1.02
C SER A 64 11.19 -19.03 0.16
N SER A 65 11.74 -19.98 0.93
CA SER A 65 12.70 -19.64 1.97
C SER A 65 14.10 -19.49 1.39
N ALA A 66 14.42 -20.29 0.37
CA ALA A 66 15.66 -20.09 -0.38
C ALA A 66 15.55 -18.81 -1.20
N GLY A 67 16.44 -17.85 -0.94
CA GLY A 67 16.41 -16.59 -1.62
C GLY A 67 17.69 -15.82 -1.39
N PRO A 68 18.16 -15.11 -2.41
CA PRO A 68 19.41 -14.34 -2.26
C PRO A 68 19.37 -13.35 -1.11
N ARG A 69 18.25 -12.66 -0.91
CA ARG A 69 18.11 -11.66 0.13
C ARG A 69 17.41 -12.29 1.34
N THR A 70 17.96 -12.06 2.52
CA THR A 70 17.43 -12.63 3.75
C THR A 70 17.44 -11.56 4.83
N THR A 71 16.54 -11.72 5.80
CA THR A 71 16.31 -10.73 6.84
C THR A 71 16.99 -11.06 8.16
N ILE A 72 17.81 -12.12 8.20
CA ILE A 72 18.38 -12.63 9.44
C ILE A 72 19.45 -11.68 9.98
N PHE A 73 20.70 -11.90 9.58
CA PHE A 73 21.86 -11.23 10.17
C PHE A 73 21.79 -9.71 10.05
N PRO A 85 22.45 -28.55 2.96
CA PRO A 85 21.76 -29.78 2.50
C PRO A 85 20.80 -30.32 3.54
N LEU A 86 21.07 -31.54 4.02
CA LEU A 86 20.26 -32.17 5.07
C LEU A 86 20.42 -31.48 6.42
N THR A 87 21.39 -30.58 6.59
CA THR A 87 21.70 -30.04 7.90
C THR A 87 20.97 -28.74 8.21
N ASN A 88 20.70 -27.90 7.22
CA ASN A 88 20.05 -26.60 7.44
C ASN A 88 18.70 -26.62 6.73
N LEU A 89 17.65 -26.99 7.47
CA LEU A 89 16.32 -27.14 6.91
C LEU A 89 15.52 -25.84 6.85
N THR A 90 16.09 -24.71 7.25
CA THR A 90 15.35 -23.44 7.26
C THR A 90 15.54 -22.62 5.98
N LEU A 91 16.50 -22.98 5.14
CA LEU A 91 16.72 -22.31 3.86
C LEU A 91 16.38 -23.22 2.69
N VAL A 92 15.48 -24.18 2.91
CA VAL A 92 15.14 -25.19 1.93
C VAL A 92 13.63 -25.30 1.85
N ASP A 93 13.13 -25.73 0.69
CA ASP A 93 11.72 -25.79 0.38
C ASP A 93 11.23 -27.25 0.29
N PRO A 94 9.92 -27.48 0.38
CA PRO A 94 9.39 -28.86 0.54
C PRO A 94 9.96 -29.86 -0.46
N PRO A 95 10.26 -29.47 -1.73
CA PRO A 95 10.90 -30.45 -2.64
C PRO A 95 12.23 -31.02 -2.13
N ASP A 96 12.65 -30.61 -0.94
CA ASP A 96 13.88 -31.13 -0.34
C ASP A 96 13.86 -30.95 1.17
N HIS A 97 12.92 -30.12 1.67
CA HIS A 97 12.84 -29.81 3.09
C HIS A 97 12.39 -31.01 3.93
N ARG A 98 11.73 -32.00 3.31
CA ARG A 98 11.14 -33.09 4.08
C ARG A 98 12.21 -33.94 4.77
N LYS A 99 13.37 -34.11 4.14
CA LYS A 99 14.38 -35.01 4.68
C LYS A 99 14.99 -34.46 5.97
N GLY A 100 15.45 -33.20 5.93
CA GLY A 100 16.00 -32.60 7.14
C GLY A 100 14.95 -32.36 8.21
N ARG A 101 13.71 -32.05 7.81
CA ARG A 101 12.64 -31.84 8.78
C ARG A 101 12.36 -33.11 9.58
N SER A 102 12.20 -34.24 8.90
CA SER A 102 11.85 -35.48 9.58
C SER A 102 12.97 -35.95 10.50
N LEU A 103 14.22 -35.84 10.05
CA LEU A 103 15.35 -36.19 10.89
C LEU A 103 15.34 -35.41 12.19
N LEU A 104 15.13 -34.09 12.10
CA LEU A 104 15.12 -33.26 13.30
C LEU A 104 13.86 -33.47 14.13
N ALA A 105 12.74 -33.81 13.48
CA ALA A 105 11.50 -34.04 14.20
C ALA A 105 11.54 -35.28 15.07
N ALA A 106 12.43 -36.24 14.76
CA ALA A 106 12.52 -37.47 15.55
C ALA A 106 12.97 -37.20 16.99
N ALA A 107 13.53 -36.02 17.26
CA ALA A 107 13.93 -35.66 18.61
C ALA A 107 12.84 -34.92 19.38
N PHE A 108 11.75 -34.54 18.74
CA PHE A 108 10.68 -33.78 19.36
C PHE A 108 9.34 -34.49 19.23
N THR A 109 9.34 -35.81 19.42
CA THR A 109 8.11 -36.59 19.38
C THR A 109 7.27 -36.30 20.62
N PRO A 110 5.97 -36.61 20.56
CA PRO A 110 5.14 -36.51 21.79
C PRO A 110 5.67 -37.34 22.95
N ARG A 111 6.46 -38.37 22.70
CA ARG A 111 7.07 -39.12 23.79
C ARG A 111 8.11 -38.29 24.51
N SER A 112 9.07 -37.72 23.76
CA SER A 112 10.13 -36.92 24.36
C SER A 112 9.54 -35.74 25.13
N LEU A 113 8.50 -35.10 24.59
CA LEU A 113 7.92 -33.95 25.26
C LEU A 113 7.32 -34.34 26.60
N LYS A 114 6.68 -35.51 26.66
CA LYS A 114 6.13 -35.99 27.92
C LYS A 114 7.23 -36.29 28.94
N ASN A 115 8.36 -36.82 28.47
CA ASN A 115 9.46 -37.15 29.36
C ASN A 115 10.25 -35.93 29.79
N TRP A 116 10.12 -34.80 29.08
CA TRP A 116 10.84 -33.58 29.42
C TRP A 116 10.15 -32.78 30.52
N GLU A 117 8.86 -33.00 30.75
CA GLU A 117 8.14 -32.23 31.76
C GLU A 117 8.76 -32.34 33.15
N PRO A 118 9.04 -33.54 33.70
CA PRO A 118 9.63 -33.58 35.05
C PRO A 118 11.03 -33.01 35.11
N ARG A 119 11.82 -33.13 34.04
CA ARG A 119 13.17 -32.58 34.05
C ARG A 119 13.15 -31.06 34.02
N ILE A 120 12.26 -30.47 33.21
CA ILE A 120 12.13 -29.02 33.19
C ILE A 120 11.51 -28.52 34.50
N LYS A 121 10.51 -29.24 35.02
CA LYS A 121 9.90 -28.86 36.28
C LYS A 121 10.91 -28.84 37.42
N GLN A 122 11.91 -29.72 37.38
CA GLN A 122 12.91 -29.75 38.43
C GLN A 122 13.87 -28.56 38.32
N ILE A 123 14.21 -28.17 37.09
CA ILE A 123 15.10 -27.02 36.91
C ILE A 123 14.42 -25.75 37.38
N ALA A 124 13.12 -25.61 37.11
CA ALA A 124 12.41 -24.42 37.55
C ALA A 124 12.29 -24.35 39.06
N GLU A 125 12.19 -25.50 39.72
CA GLU A 125 12.15 -25.51 41.19
C GLU A 125 13.46 -25.01 41.77
N GLU A 126 14.59 -25.44 41.19
CA GLU A 126 15.90 -24.96 41.60
C GLU A 126 15.97 -23.44 41.53
N LEU A 127 15.42 -22.86 40.46
CA LEU A 127 15.50 -21.42 40.25
C LEU A 127 14.52 -20.65 41.13
N VAL A 128 13.34 -21.22 41.41
CA VAL A 128 12.32 -20.48 42.14
C VAL A 128 12.61 -20.47 43.63
N GLU A 129 13.09 -21.59 44.19
CA GLU A 129 13.45 -21.61 45.60
C GLU A 129 14.63 -20.68 45.89
N ASN A 130 15.51 -20.49 44.90
CA ASN A 130 16.66 -19.61 45.03
C ASN A 130 16.25 -18.14 45.07
N ILE A 131 15.08 -17.79 44.53
CA ILE A 131 14.68 -16.39 44.39
C ILE A 131 14.55 -15.69 45.73
N GLN A 132 14.21 -16.44 46.79
CA GLN A 132 14.20 -15.91 48.16
C GLN A 132 13.01 -14.97 48.34
N ASP A 133 12.53 -14.82 49.58
CA ASP A 133 11.29 -14.10 49.84
C ASP A 133 11.42 -12.60 49.59
N ASN A 134 11.30 -11.80 50.65
CA ASN A 134 11.35 -10.35 50.51
C ASN A 134 12.72 -9.89 50.01
N ASN A 135 12.70 -8.77 49.27
CA ASN A 135 13.78 -8.08 48.57
C ASN A 135 13.41 -8.00 47.10
N GLU A 136 13.77 -6.90 46.43
CA GLU A 136 13.48 -6.82 45.01
C GLU A 136 14.39 -7.78 44.24
N ILE A 137 13.81 -8.47 43.27
CA ILE A 137 14.51 -9.46 42.48
C ILE A 137 14.56 -9.02 41.01
N ASN A 138 15.45 -9.64 40.27
CA ASN A 138 15.58 -9.46 38.82
C ASN A 138 15.21 -10.79 38.17
N ILE A 139 13.97 -10.89 37.67
CA ILE A 139 13.50 -12.18 37.16
C ILE A 139 14.23 -12.57 35.88
N VAL A 140 14.91 -11.63 35.22
CA VAL A 140 15.72 -11.99 34.06
C VAL A 140 16.91 -12.81 34.50
N GLU A 141 17.67 -12.30 35.48
CA GLU A 141 18.79 -13.06 36.01
C GLU A 141 18.34 -14.25 36.84
N ALA A 142 17.17 -14.14 37.49
CA ALA A 142 16.72 -15.17 38.41
C ALA A 142 15.93 -16.29 37.74
N LEU A 143 15.42 -16.08 36.53
CA LEU A 143 14.55 -17.09 35.93
C LEU A 143 14.50 -17.01 34.40
N ALA A 144 14.26 -15.82 33.85
CA ALA A 144 13.99 -15.70 32.43
C ALA A 144 15.18 -16.12 31.58
N ALA A 145 16.38 -15.68 31.95
CA ALA A 145 17.59 -16.03 31.19
C ALA A 145 18.09 -17.44 31.50
N PRO A 146 18.26 -17.84 32.77
CA PRO A 146 18.89 -19.14 33.03
C PRO A 146 18.06 -20.33 32.61
N LEU A 147 16.73 -20.26 32.73
CA LEU A 147 15.91 -21.44 32.51
C LEU A 147 16.09 -22.06 31.13
N PRO A 148 15.94 -21.32 30.01
CA PRO A 148 16.11 -21.98 28.70
C PRO A 148 17.50 -22.56 28.49
N SER A 149 18.55 -21.89 28.99
CA SER A 149 19.90 -22.43 28.84
C SER A 149 20.06 -23.73 29.60
N MET A 150 19.63 -23.76 30.87
CA MET A 150 19.74 -24.98 31.66
C MET A 150 18.86 -26.08 31.11
N VAL A 151 17.68 -25.73 30.60
CA VAL A 151 16.77 -26.74 30.07
C VAL A 151 17.34 -27.38 28.82
N ILE A 152 17.82 -26.57 27.88
CA ILE A 152 18.31 -27.11 26.61
C ILE A 152 19.56 -27.96 26.84
N ALA A 153 20.38 -27.62 27.83
CA ALA A 153 21.52 -28.46 28.18
C ALA A 153 21.08 -29.83 28.66
N ASP A 154 20.00 -29.89 29.44
CA ASP A 154 19.49 -31.16 29.95
C ASP A 154 19.03 -32.06 28.81
N LEU A 155 18.15 -31.56 27.94
CA LEU A 155 17.64 -32.39 26.85
C LEU A 155 18.71 -32.72 25.82
N PHE A 156 19.79 -31.94 25.75
CA PHE A 156 20.89 -32.30 24.86
C PHE A 156 21.66 -33.52 25.36
N GLY A 157 21.54 -33.84 26.65
CA GLY A 157 22.33 -34.93 27.20
C GLY A 157 23.75 -34.54 27.57
N VAL A 158 24.03 -33.25 27.70
CA VAL A 158 25.36 -32.81 28.13
C VAL A 158 25.65 -33.38 29.52
N PRO A 159 26.80 -34.00 29.75
CA PRO A 159 27.10 -34.55 31.07
C PRO A 159 26.96 -33.50 32.16
N ILE A 160 26.55 -33.96 33.35
CA ILE A 160 26.15 -33.04 34.41
C ILE A 160 27.34 -32.20 34.88
N GLN A 161 28.54 -32.78 34.92
CA GLN A 161 29.69 -32.06 35.42
C GLN A 161 30.24 -31.03 34.42
N ASP A 162 29.73 -31.02 33.19
CA ASP A 162 30.21 -30.10 32.17
C ASP A 162 29.19 -29.03 31.81
N ARG A 163 28.01 -29.03 32.44
CA ARG A 163 26.98 -28.07 32.08
C ARG A 163 27.38 -26.64 32.43
N ALA A 164 28.24 -26.47 33.43
CA ALA A 164 28.69 -25.12 33.81
C ALA A 164 29.43 -24.45 32.66
N GLN A 165 30.40 -25.16 32.07
CA GLN A 165 31.12 -24.61 30.93
C GLN A 165 30.19 -24.45 29.73
N PHE A 166 29.31 -25.44 29.51
CA PHE A 166 28.33 -25.35 28.43
C PHE A 166 27.47 -24.09 28.56
N LYS A 167 26.97 -23.83 29.77
CA LYS A 167 26.15 -22.65 29.99
C LYS A 167 26.88 -21.36 29.62
N GLU A 168 28.19 -21.31 29.89
CA GLU A 168 28.95 -20.10 29.59
C GLU A 168 29.04 -19.85 28.09
N TRP A 169 29.22 -20.91 27.30
CA TRP A 169 29.24 -20.76 25.85
C TRP A 169 27.92 -20.21 25.34
N VAL A 170 26.80 -20.72 25.87
CA VAL A 170 25.49 -20.25 25.42
C VAL A 170 25.27 -18.78 25.80
N ASP A 171 25.80 -18.36 26.96
CA ASP A 171 25.64 -16.97 27.38
C ASP A 171 26.41 -16.02 26.48
N ILE A 172 27.55 -16.45 25.95
CA ILE A 172 28.31 -15.58 25.04
C ILE A 172 27.69 -15.55 23.66
N LEU A 173 27.19 -16.70 23.19
CA LEU A 173 26.71 -16.80 21.81
C LEU A 173 25.31 -16.21 21.64
N PHE A 174 24.38 -16.56 22.55
CA PHE A 174 22.96 -16.31 22.30
C PHE A 174 22.28 -15.54 23.43
N GLN A 175 23.04 -14.88 24.29
CA GLN A 175 22.46 -14.04 25.32
C GLN A 175 22.96 -12.61 25.16
N PRO A 176 22.07 -11.63 25.06
CA PRO A 176 22.51 -10.26 24.76
C PRO A 176 23.04 -9.52 25.97
N TYR A 177 23.98 -8.62 25.70
CA TYR A 177 24.58 -7.79 26.73
C TYR A 177 25.37 -6.64 26.10
N LEU A 182 32.90 -3.70 23.61
CA LEU A 182 33.15 -2.87 22.44
C LEU A 182 33.26 -3.73 21.18
N GLU A 183 34.47 -4.24 20.94
CA GLU A 183 34.74 -5.13 19.81
C GLU A 183 35.01 -6.57 20.23
N ASP A 184 35.48 -6.79 21.46
CA ASP A 184 35.85 -8.12 21.93
C ASP A 184 34.73 -9.15 21.75
N ILE A 185 33.49 -8.70 21.55
CA ILE A 185 32.37 -9.65 21.48
C ILE A 185 32.47 -10.55 20.26
N GLU A 186 32.92 -10.00 19.12
CA GLU A 186 32.93 -10.80 17.90
C GLU A 186 34.03 -11.86 17.93
N LEU A 187 35.17 -11.57 18.56
CA LEU A 187 36.19 -12.59 18.73
C LEU A 187 35.85 -13.54 19.88
N GLN A 188 35.23 -13.03 20.94
CA GLN A 188 34.78 -13.88 22.03
C GLN A 188 33.73 -14.88 21.57
N LYS A 189 32.95 -14.54 20.53
CA LYS A 189 31.91 -15.44 20.06
C LYS A 189 32.47 -16.49 19.11
N GLN A 190 33.41 -16.11 18.24
CA GLN A 190 34.00 -17.10 17.35
C GLN A 190 34.91 -18.07 18.11
N ASN A 191 35.47 -17.64 19.25
CA ASN A 191 36.18 -18.56 20.12
C ASN A 191 35.22 -19.49 20.86
N ALA A 192 34.01 -19.01 21.16
CA ALA A 192 33.02 -19.86 21.80
C ALA A 192 32.53 -20.94 20.85
N ALA A 193 32.26 -20.58 19.60
CA ALA A 193 31.86 -21.58 18.62
C ALA A 193 32.96 -22.61 18.39
N LYS A 194 34.21 -22.16 18.31
CA LYS A 194 35.32 -23.09 18.15
C LYS A 194 35.39 -24.07 19.32
N GLU A 195 35.36 -23.55 20.55
CA GLU A 195 35.40 -24.43 21.71
C GLU A 195 34.17 -25.33 21.77
N TYR A 196 33.03 -24.84 21.28
CA TYR A 196 31.81 -25.65 21.29
C TYR A 196 31.94 -26.85 20.37
N PHE A 197 32.38 -26.64 19.13
CA PHE A 197 32.46 -27.73 18.18
C PHE A 197 33.54 -28.74 18.56
N GLN A 198 34.64 -28.27 19.16
CA GLN A 198 35.69 -29.20 19.57
C GLN A 198 35.27 -30.02 20.78
N TYR A 199 34.44 -29.45 21.65
CA TYR A 199 33.99 -30.19 22.82
C TYR A 199 32.89 -31.19 22.50
N LEU A 200 31.91 -30.80 21.68
CA LEU A 200 30.72 -31.61 21.49
C LEU A 200 30.93 -32.79 20.56
N TYR A 201 31.92 -32.72 19.66
CA TYR A 201 32.14 -33.83 18.73
C TYR A 201 32.53 -35.13 19.45
N PRO A 202 33.44 -35.14 20.43
CA PRO A 202 33.66 -36.39 21.17
C PRO A 202 32.43 -36.89 21.90
N ILE A 203 31.56 -36.01 22.38
CA ILE A 203 30.35 -36.44 23.09
C ILE A 203 29.43 -37.21 22.14
N VAL A 204 29.24 -36.69 20.93
CA VAL A 204 28.36 -37.35 19.97
C VAL A 204 28.92 -38.73 19.61
N VAL A 205 30.25 -38.86 19.56
CA VAL A 205 30.85 -40.15 19.31
C VAL A 205 30.59 -41.11 20.47
N GLN A 206 30.72 -40.61 21.70
CA GLN A 206 30.44 -41.44 22.88
C GLN A 206 28.98 -41.89 22.89
N LYS A 207 28.05 -40.99 22.58
CA LYS A 207 26.64 -41.30 22.68
C LYS A 207 26.18 -42.33 21.66
N ARG A 208 26.92 -42.48 20.55
CA ARG A 208 26.58 -43.53 19.59
C ARG A 208 26.66 -44.91 20.22
N SER A 209 27.52 -45.08 21.22
CA SER A 209 27.65 -46.33 21.96
C SER A 209 26.92 -46.32 23.30
N ASN A 210 26.24 -45.22 23.64
CA ASN A 210 25.54 -45.07 24.92
C ASN A 210 24.28 -44.23 24.68
N LEU A 211 23.31 -44.85 24.00
CA LEU A 211 22.04 -44.19 23.70
C LEU A 211 21.27 -43.97 25.00
N SER A 212 21.10 -42.70 25.38
CA SER A 212 20.35 -42.30 26.55
C SER A 212 18.99 -41.74 26.09
N ASP A 213 18.42 -40.84 26.89
CA ASP A 213 17.11 -40.26 26.62
C ASP A 213 17.27 -38.75 26.48
N ASP A 214 17.93 -38.34 25.40
CA ASP A 214 18.21 -36.95 25.16
C ASP A 214 18.14 -36.69 23.65
N ILE A 215 18.29 -35.42 23.28
CA ILE A 215 18.11 -35.03 21.88
C ILE A 215 19.20 -35.61 21.00
N ILE A 216 20.44 -35.64 21.49
CA ILE A 216 21.55 -36.13 20.67
C ILE A 216 21.37 -37.62 20.37
N SER A 217 20.86 -38.39 21.35
CA SER A 217 20.58 -39.79 21.10
C SER A 217 19.49 -39.99 20.06
N ASP A 218 18.50 -39.10 20.02
CA ASP A 218 17.43 -39.21 19.02
C ASP A 218 17.95 -38.83 17.63
N LEU A 219 18.81 -37.82 17.55
CA LEU A 219 19.37 -37.43 16.26
C LEU A 219 20.27 -38.51 15.69
N ILE A 220 20.90 -39.31 16.55
CA ILE A 220 21.76 -40.39 16.09
C ILE A 220 20.92 -41.47 15.41
N GLN A 221 19.92 -42.01 16.12
CA GLN A 221 19.13 -43.11 15.59
C GLN A 221 18.14 -42.68 14.53
N ALA A 222 18.02 -41.39 14.24
CA ALA A 222 17.08 -40.92 13.24
C ALA A 222 17.53 -41.31 11.84
N GLU A 223 16.61 -41.81 11.03
CA GLU A 223 16.88 -42.17 9.65
C GLU A 223 15.73 -41.71 8.78
N VAL A 224 16.06 -41.17 7.60
CA VAL A 224 15.08 -40.73 6.62
C VAL A 224 15.60 -41.09 5.24
N ASP A 225 14.76 -41.77 4.44
CA ASP A 225 15.13 -42.26 3.12
C ASP A 225 16.35 -43.18 3.20
N GLY A 226 16.56 -43.83 4.34
CA GLY A 226 17.73 -44.64 4.57
C GLY A 226 18.96 -43.87 5.02
N GLU A 227 19.03 -42.58 4.75
CA GLU A 227 20.16 -41.76 5.13
C GLU A 227 20.09 -41.39 6.61
N LYS A 228 21.24 -41.03 7.17
CA LYS A 228 21.33 -40.64 8.57
C LYS A 228 22.22 -39.41 8.68
N PHE A 229 22.26 -38.85 9.89
CA PHE A 229 23.21 -37.81 10.22
C PHE A 229 24.59 -38.40 10.48
N THR A 230 25.62 -37.63 10.13
CA THR A 230 26.96 -37.96 10.54
C THR A 230 27.32 -37.22 11.84
N ASP A 231 28.43 -37.60 12.44
CA ASP A 231 28.85 -36.96 13.70
C ASP A 231 29.05 -35.46 13.51
N ASN A 232 29.71 -35.07 12.42
CA ASN A 232 29.91 -33.64 12.17
C ASN A 232 28.58 -32.93 11.90
N GLU A 233 27.62 -33.61 11.26
CA GLU A 233 26.34 -32.99 10.97
C GLU A 233 25.50 -32.81 12.23
N ILE A 234 25.60 -33.72 13.19
CA ILE A 234 24.79 -33.62 14.40
C ILE A 234 25.22 -32.41 15.22
N VAL A 235 26.53 -32.13 15.27
CA VAL A 235 27.02 -30.99 16.03
C VAL A 235 26.49 -29.69 15.43
N GLN A 236 26.45 -29.60 14.10
CA GLN A 236 25.85 -28.45 13.45
C GLN A 236 24.40 -28.27 13.87
N VAL A 237 23.64 -29.37 13.94
CA VAL A 237 22.22 -29.30 14.26
C VAL A 237 22.01 -28.75 15.66
N THR A 238 22.81 -29.20 16.63
CA THR A 238 22.68 -28.71 18.00
C THR A 238 22.97 -27.22 18.07
N MET A 239 23.95 -26.73 17.31
CA MET A 239 24.20 -25.30 17.25
C MET A 239 23.04 -24.55 16.64
N LEU A 240 22.28 -25.20 15.76
CA LEU A 240 21.09 -24.57 15.19
C LEU A 240 19.96 -24.49 16.20
N LEU A 241 19.85 -25.49 17.09
CA LEU A 241 18.77 -25.46 18.09
C LEU A 241 19.03 -24.42 19.16
N LEU A 242 20.29 -24.28 19.59
CA LEU A 242 20.62 -23.24 20.56
C LEU A 242 20.30 -21.86 20.02
N GLY A 243 20.64 -21.61 18.76
CA GLY A 243 20.32 -20.33 18.15
C GLY A 243 18.84 -20.12 17.89
N ALA A 244 18.05 -21.19 17.83
CA ALA A 244 16.65 -21.09 17.46
C ALA A 244 15.70 -21.05 18.65
N GLY A 245 16.12 -21.55 19.82
CA GLY A 245 15.18 -21.66 20.92
C GLY A 245 15.71 -21.42 22.32
N VAL A 246 16.81 -20.68 22.44
CA VAL A 246 17.34 -20.28 23.73
C VAL A 246 17.03 -18.81 24.01
N GLU A 247 17.36 -17.92 23.07
CA GLU A 247 17.15 -16.50 23.28
C GLU A 247 15.70 -16.10 23.12
N THR A 248 15.02 -16.65 22.10
CA THR A 248 13.62 -16.31 21.89
C THR A 248 12.76 -16.76 23.07
N THR A 249 13.11 -17.88 23.68
CA THR A 249 12.34 -18.35 24.84
C THR A 249 12.58 -17.48 26.06
N SER A 250 13.84 -17.10 26.31
CA SER A 250 14.14 -16.15 27.39
C SER A 250 13.37 -14.85 27.20
N HIS A 251 13.25 -14.40 25.95
CA HIS A 251 12.51 -13.17 25.65
C HIS A 251 11.05 -13.32 26.04
N ALA A 252 10.42 -14.42 25.63
CA ALA A 252 9.00 -14.62 25.93
C ALA A 252 8.73 -14.67 27.42
N ILE A 253 9.62 -15.33 28.17
CA ILE A 253 9.42 -15.44 29.62
C ILE A 253 9.58 -14.07 30.28
N ALA A 254 10.55 -13.28 29.82
CA ALA A 254 10.75 -11.96 30.40
C ALA A 254 9.59 -11.03 30.07
N ASN A 255 9.07 -11.10 28.85
CA ASN A 255 7.94 -10.25 28.48
C ASN A 255 6.67 -10.64 29.21
N THR A 256 6.50 -11.93 29.52
CA THR A 256 5.35 -12.36 30.30
C THR A 256 5.34 -11.69 31.68
N PHE A 257 6.50 -11.59 32.32
CA PHE A 257 6.57 -10.96 33.63
C PHE A 257 6.42 -9.45 33.54
N TYR A 258 6.89 -8.84 32.45
CA TYR A 258 6.66 -7.41 32.26
C TYR A 258 5.18 -7.12 32.09
N SER A 259 4.46 -8.00 31.39
CA SER A 259 3.03 -7.81 31.21
C SER A 259 2.28 -8.04 32.53
N LEU A 260 2.73 -9.01 33.33
CA LEU A 260 2.17 -9.22 34.66
C LEU A 260 2.43 -8.04 35.59
N LEU A 261 3.29 -7.10 35.22
CA LEU A 261 3.64 -5.97 36.07
C LEU A 261 3.06 -4.65 35.60
N TYR A 262 2.94 -4.43 34.28
CA TYR A 262 2.57 -3.13 33.77
C TYR A 262 1.38 -3.14 32.82
N ASP A 263 0.78 -4.29 32.54
CA ASP A 263 -0.36 -4.34 31.64
C ASP A 263 -1.66 -4.53 32.43
N ASP A 264 -2.06 -5.77 32.66
CA ASP A 264 -3.28 -6.08 33.41
C ASP A 264 -2.89 -6.40 34.85
N GLU A 265 -3.24 -5.50 35.77
CA GLU A 265 -2.87 -5.69 37.18
C GLU A 265 -3.57 -6.89 37.78
N SER A 266 -4.81 -7.14 37.39
CA SER A 266 -5.60 -8.23 37.95
C SER A 266 -5.19 -9.61 37.45
N LEU A 267 -4.33 -9.67 36.42
CA LEU A 267 -4.03 -10.96 35.80
C LEU A 267 -3.30 -11.90 36.75
N TYR A 268 -2.38 -11.37 37.56
CA TYR A 268 -1.60 -12.25 38.44
C TYR A 268 -2.50 -12.94 39.47
N GLY A 269 -3.38 -12.17 40.12
CA GLY A 269 -4.27 -12.76 41.10
C GLY A 269 -5.23 -13.76 40.48
N GLU A 270 -5.62 -13.53 39.22
CA GLU A 270 -6.47 -14.49 38.52
C GLU A 270 -5.74 -15.80 38.31
N LEU A 271 -4.48 -15.75 37.88
CA LEU A 271 -3.70 -16.96 37.65
C LEU A 271 -3.48 -17.75 38.94
N ARG A 272 -3.36 -17.07 40.08
CA ARG A 272 -3.10 -17.77 41.32
C ARG A 272 -4.35 -18.44 41.88
N ASN A 273 -5.53 -17.85 41.65
CA ASN A 273 -6.76 -18.51 42.07
C ASN A 273 -6.97 -19.83 41.32
N ASP A 274 -6.69 -19.85 40.03
CA ASP A 274 -6.83 -21.04 39.20
C ASP A 274 -5.56 -21.25 38.40
N LEU A 275 -4.75 -22.24 38.79
CA LEU A 275 -3.53 -22.56 38.07
C LEU A 275 -3.78 -23.11 36.67
N GLU A 276 -4.98 -23.63 36.41
CA GLU A 276 -5.28 -24.21 35.10
C GLU A 276 -5.36 -23.17 33.99
N LEU A 277 -5.27 -21.88 34.31
CA LEU A 277 -5.34 -20.82 33.32
C LEU A 277 -3.98 -20.44 32.76
N VAL A 278 -2.90 -21.03 33.28
CA VAL A 278 -1.55 -20.66 32.82
C VAL A 278 -1.37 -20.93 31.33
N PRO A 279 -1.78 -22.08 30.77
CA PRO A 279 -1.69 -22.24 29.30
C PRO A 279 -2.33 -21.11 28.52
N ASN A 280 -3.52 -20.65 28.96
CA ASN A 280 -4.16 -19.52 28.29
C ASN A 280 -3.34 -18.25 28.43
N ALA A 281 -2.79 -18.02 29.63
CA ALA A 281 -1.93 -16.85 29.83
C ALA A 281 -0.69 -16.94 28.95
N VAL A 282 -0.10 -18.14 28.84
CA VAL A 282 1.09 -18.30 28.00
C VAL A 282 0.77 -17.99 26.54
N GLU A 283 -0.36 -18.52 26.04
CA GLU A 283 -0.70 -18.29 24.64
C GLU A 283 -1.05 -16.84 24.36
N GLU A 284 -1.60 -16.12 25.34
CA GLU A 284 -1.93 -14.72 25.11
C GLU A 284 -0.70 -13.82 25.17
N MET A 285 0.30 -14.18 25.98
CA MET A 285 1.54 -13.42 25.98
C MET A 285 2.28 -13.56 24.66
N LEU A 286 2.21 -14.73 24.04
CA LEU A 286 2.85 -14.92 22.73
C LEU A 286 2.13 -14.13 21.64
N ARG A 287 0.81 -13.96 21.75
CA ARG A 287 0.08 -13.15 20.79
C ARG A 287 0.36 -11.66 21.00
N TYR A 288 0.37 -11.23 22.26
CA TYR A 288 0.33 -9.81 22.60
C TYR A 288 1.70 -9.20 22.88
N ARG A 289 2.60 -9.94 23.53
CA ARG A 289 3.83 -9.37 24.08
C ARG A 289 5.09 -10.04 23.57
N PHE A 290 5.11 -10.50 22.32
CA PHE A 290 6.33 -11.00 21.70
C PHE A 290 6.62 -10.15 20.46
N HIS A 291 7.58 -9.25 20.58
CA HIS A 291 7.90 -8.32 19.51
C HIS A 291 9.42 -8.21 19.39
N MET A 292 9.91 -8.20 18.15
CA MET A 292 9.07 -8.28 16.97
C MET A 292 9.29 -9.59 16.21
N SER A 293 8.23 -10.07 15.57
CA SER A 293 8.29 -11.29 14.77
C SER A 293 8.14 -10.93 13.31
N ARG A 294 9.07 -11.43 12.48
CA ARG A 294 9.06 -11.11 11.06
C ARG A 294 9.97 -12.10 10.36
N ARG A 295 9.47 -12.71 9.29
CA ARG A 295 10.26 -13.60 8.46
C ARG A 295 10.13 -13.17 7.01
N ASP A 296 11.18 -13.44 6.24
CA ASP A 296 11.22 -13.07 4.83
C ASP A 296 10.90 -14.26 3.94
N ARG A 297 10.33 -13.97 2.77
CA ARG A 297 10.10 -14.95 1.74
C ARG A 297 10.37 -14.32 0.39
N THR A 298 10.99 -15.08 -0.51
CA THR A 298 11.29 -14.61 -1.85
C THR A 298 10.26 -15.16 -2.82
N VAL A 299 9.71 -14.29 -3.66
CA VAL A 299 8.62 -14.69 -4.57
C VAL A 299 9.19 -15.58 -5.68
N LYS A 300 8.56 -16.74 -5.86
CA LYS A 300 9.02 -17.71 -6.86
C LYS A 300 8.16 -17.73 -8.11
N LYS A 301 6.99 -17.10 -8.10
CA LYS A 301 6.10 -17.11 -9.25
C LYS A 301 5.29 -15.81 -9.25
N ASP A 302 5.07 -15.26 -10.43
CA ASP A 302 4.23 -14.07 -10.55
C ASP A 302 2.84 -14.37 -10.02
N ASN A 303 2.31 -13.47 -9.19
CA ASN A 303 1.01 -13.68 -8.57
C ASN A 303 0.49 -12.38 -7.99
N ASN A 304 -0.80 -12.36 -7.71
CA ASN A 304 -1.46 -11.26 -7.00
C ASN A 304 -2.20 -11.78 -5.76
N LEU A 305 -1.61 -12.77 -5.08
CA LEU A 305 -2.27 -13.39 -3.94
C LEU A 305 -2.36 -12.48 -2.72
N LEU A 306 -1.63 -11.37 -2.69
CA LEU A 306 -1.69 -10.42 -1.59
C LEU A 306 -2.45 -9.16 -1.94
N GLY A 307 -2.98 -9.04 -3.17
CA GLY A 307 -3.61 -7.82 -3.60
C GLY A 307 -2.71 -6.86 -4.33
N VAL A 308 -1.44 -7.23 -4.55
CA VAL A 308 -0.50 -6.43 -5.32
C VAL A 308 0.22 -7.34 -6.29
N GLU A 309 0.78 -6.74 -7.34
CA GLU A 309 1.44 -7.50 -8.40
C GLU A 309 2.86 -7.83 -7.95
N LEU A 310 3.08 -9.06 -7.52
CA LEU A 310 4.39 -9.52 -7.09
C LEU A 310 5.06 -10.26 -8.24
N LYS A 311 6.31 -9.88 -8.53
CA LYS A 311 7.11 -10.52 -9.56
C LYS A 311 8.11 -11.48 -8.92
N GLU A 312 8.72 -12.32 -9.76
CA GLU A 312 9.74 -13.24 -9.28
C GLU A 312 10.94 -12.47 -8.73
N GLY A 313 11.54 -13.00 -7.67
CA GLY A 313 12.68 -12.38 -7.04
C GLY A 313 12.34 -11.33 -6.00
N ASP A 314 11.08 -10.97 -5.84
CA ASP A 314 10.68 -9.99 -4.85
C ASP A 314 10.74 -10.57 -3.45
N VAL A 315 11.21 -9.77 -2.50
CA VAL A 315 11.29 -10.16 -1.09
C VAL A 315 10.05 -9.65 -0.37
N VAL A 316 9.38 -10.55 0.35
CA VAL A 316 8.20 -10.20 1.12
C VAL A 316 8.46 -10.53 2.58
N ILE A 317 8.28 -9.54 3.45
CA ILE A 317 8.47 -9.71 4.88
C ILE A 317 7.11 -9.85 5.54
N ALA A 318 6.88 -10.99 6.19
CA ALA A 318 5.63 -11.24 6.89
C ALA A 318 5.80 -10.86 8.35
N TRP A 319 5.14 -9.77 8.76
CA TRP A 319 5.21 -9.31 10.14
C TRP A 319 4.14 -10.04 10.95
N MET A 320 4.58 -10.96 11.81
CA MET A 320 3.67 -11.83 12.55
C MET A 320 3.21 -11.20 13.86
N SER A 321 4.13 -10.56 14.60
CA SER A 321 3.71 -9.82 15.78
C SER A 321 2.73 -8.72 15.44
N ALA A 322 2.77 -8.22 14.20
CA ALA A 322 1.80 -7.23 13.76
C ALA A 322 0.45 -7.89 13.44
N CYS A 323 0.47 -9.02 12.74
CA CYS A 323 -0.79 -9.67 12.36
C CYS A 323 -1.51 -10.26 13.57
N ASN A 324 -0.83 -10.41 14.70
CA ASN A 324 -1.49 -10.81 15.94
C ASN A 324 -2.38 -9.71 16.50
N MET A 325 -2.37 -8.52 15.91
CA MET A 325 -3.23 -7.41 16.31
C MET A 325 -4.31 -7.13 15.28
N ASP A 326 -4.58 -8.08 14.38
CA ASP A 326 -5.56 -7.89 13.32
C ASP A 326 -6.95 -8.20 13.86
N HIS A 327 -7.81 -7.17 13.91
CA HIS A 327 -9.16 -7.36 14.43
C HIS A 327 -9.99 -8.28 13.58
N ARG A 328 -9.61 -8.50 12.32
CA ARG A 328 -10.30 -9.45 11.46
C ARG A 328 -10.18 -10.88 11.95
N MET A 329 -9.18 -11.18 12.78
CA MET A 329 -9.00 -12.52 13.34
C MET A 329 -9.20 -12.58 14.84
N PHE A 330 -8.68 -11.60 15.58
CA PHE A 330 -8.76 -11.58 17.04
C PHE A 330 -9.66 -10.43 17.47
N ASP A 331 -10.79 -10.77 18.09
CA ASP A 331 -11.72 -9.75 18.55
C ASP A 331 -11.11 -8.92 19.66
N ASP A 332 -11.21 -7.59 19.53
CA ASP A 332 -10.63 -6.63 20.47
C ASP A 332 -9.12 -6.90 20.57
N PRO A 333 -8.37 -6.73 19.49
CA PRO A 333 -7.01 -7.27 19.44
C PRO A 333 -6.00 -6.51 20.28
N PHE A 334 -6.26 -5.25 20.60
CA PHE A 334 -5.28 -4.44 21.32
C PHE A 334 -5.43 -4.54 22.84
N SER A 335 -6.27 -5.44 23.32
CA SER A 335 -6.46 -5.68 24.74
C SER A 335 -6.01 -7.09 25.09
N ILE A 336 -5.52 -7.25 26.33
CA ILE A 336 -5.16 -8.58 26.83
C ILE A 336 -6.44 -9.29 27.27
N ASN A 337 -6.59 -10.53 26.82
CA ASN A 337 -7.78 -11.31 27.15
C ASN A 337 -7.39 -12.79 27.04
N ILE A 338 -7.09 -13.41 28.19
CA ILE A 338 -6.70 -14.81 28.19
C ILE A 338 -7.87 -15.76 28.00
N HIS A 339 -9.08 -15.22 27.81
CA HIS A 339 -10.25 -16.04 27.55
C HIS A 339 -10.74 -15.93 26.11
N ARG A 340 -10.05 -15.16 25.27
CA ARG A 340 -10.34 -15.12 23.85
C ARG A 340 -10.24 -16.53 23.28
N PRO A 341 -11.30 -17.05 22.64
CA PRO A 341 -11.33 -18.48 22.32
C PRO A 341 -10.35 -18.90 21.23
N ASN A 342 -9.80 -17.97 20.45
CA ASN A 342 -8.91 -18.30 19.34
C ASN A 342 -7.52 -17.73 19.53
N ASN A 343 -7.09 -17.55 20.78
CA ASN A 343 -5.74 -17.05 21.04
C ASN A 343 -4.67 -17.96 20.47
N LYS A 344 -4.98 -19.26 20.32
CA LYS A 344 -3.99 -20.21 19.86
C LYS A 344 -3.75 -20.13 18.35
N LYS A 345 -4.54 -19.35 17.63
CA LYS A 345 -4.38 -19.20 16.19
C LYS A 345 -3.43 -18.07 15.82
N HIS A 346 -2.65 -17.56 16.77
CA HIS A 346 -1.64 -16.56 16.46
C HIS A 346 -0.53 -17.18 15.62
N LEU A 347 0.32 -16.32 15.06
CA LEU A 347 1.35 -16.73 14.13
C LEU A 347 2.75 -16.42 14.67
N THR A 348 2.91 -16.39 15.99
CA THR A 348 4.23 -16.15 16.57
C THR A 348 5.17 -17.32 16.31
N PHE A 349 4.65 -18.53 16.18
CA PHE A 349 5.45 -19.70 15.87
C PHE A 349 5.50 -20.01 14.38
N GLY A 350 4.97 -19.13 13.54
CA GLY A 350 5.00 -19.33 12.10
C GLY A 350 3.79 -20.09 11.59
N ASN A 351 3.94 -20.60 10.37
CA ASN A 351 2.88 -21.33 9.69
C ASN A 351 3.46 -22.04 8.49
N GLY A 352 2.82 -23.15 8.10
CA GLY A 352 3.22 -23.90 6.95
C GLY A 352 4.25 -24.97 7.23
N PRO A 353 5.07 -25.30 6.23
CA PRO A 353 6.05 -26.37 6.42
C PRO A 353 7.17 -26.02 7.39
N HIS A 354 7.48 -24.73 7.54
CA HIS A 354 8.53 -24.29 8.45
C HIS A 354 8.02 -23.98 9.84
N PHE A 355 6.84 -24.47 10.20
CA PHE A 355 6.28 -24.22 11.52
C PHE A 355 7.25 -24.68 12.60
N CYS A 356 7.41 -23.84 13.63
CA CYS A 356 8.40 -24.05 14.67
C CYS A 356 8.35 -25.47 15.23
N LEU A 357 9.48 -26.17 15.12
CA LEU A 357 9.54 -27.55 15.61
C LEU A 357 9.60 -27.60 17.13
N GLY A 358 10.14 -26.56 17.77
CA GLY A 358 10.24 -26.53 19.21
C GLY A 358 9.11 -25.76 19.87
N ALA A 359 7.98 -25.65 19.17
CA ALA A 359 6.85 -24.90 19.73
C ALA A 359 6.28 -25.55 20.98
N PRO A 360 6.02 -26.86 21.03
CA PRO A 360 5.55 -27.46 22.28
C PRO A 360 6.55 -27.34 23.42
N LEU A 361 7.85 -27.37 23.12
CA LEU A 361 8.85 -27.21 24.16
C LEU A 361 8.84 -25.81 24.74
N ALA A 362 8.80 -24.79 23.87
CA ALA A 362 8.72 -23.41 24.34
C ALA A 362 7.45 -23.18 25.16
N ARG A 363 6.33 -23.73 24.71
CA ARG A 363 5.08 -23.64 25.48
C ARG A 363 5.22 -24.32 26.83
N LEU A 364 5.91 -25.46 26.87
CA LEU A 364 6.11 -26.15 28.14
C LEU A 364 7.02 -25.36 29.08
N GLU A 365 8.09 -24.77 28.53
CA GLU A 365 8.99 -23.97 29.36
C GLU A 365 8.28 -22.75 29.93
N MET A 366 7.46 -22.08 29.12
CA MET A 366 6.76 -20.89 29.60
C MET A 366 5.73 -21.26 30.67
N LYS A 367 4.95 -22.32 30.43
CA LYS A 367 3.96 -22.75 31.41
C LYS A 367 4.62 -23.16 32.72
N ILE A 368 5.72 -23.93 32.65
CA ILE A 368 6.36 -24.42 33.85
C ILE A 368 6.98 -23.27 34.64
N ALA A 369 7.66 -22.35 33.95
CA ALA A 369 8.23 -21.20 34.63
C ALA A 369 7.17 -20.33 35.28
N LEU A 370 6.00 -20.22 34.65
CA LEU A 370 4.93 -19.39 35.20
C LEU A 370 4.21 -20.10 36.34
N GLU A 371 3.88 -21.38 36.17
CA GLU A 371 3.20 -22.13 37.23
C GLU A 371 4.04 -22.16 38.51
N THR A 372 5.32 -22.52 38.40
CA THR A 372 6.17 -22.63 39.57
C THR A 372 6.31 -21.29 40.29
N PHE A 373 6.24 -20.17 39.56
CA PHE A 373 6.40 -18.87 40.18
C PHE A 373 5.15 -18.45 40.95
N VAL A 374 3.99 -18.44 40.26
CA VAL A 374 2.77 -17.98 40.90
C VAL A 374 2.33 -18.91 42.03
N LYS A 375 2.77 -20.17 41.99
CA LYS A 375 2.43 -21.10 43.06
C LYS A 375 3.17 -20.78 44.35
N LYS A 376 4.32 -20.10 44.27
CA LYS A 376 5.10 -19.77 45.45
C LYS A 376 4.74 -18.40 46.02
N PHE A 377 4.62 -17.38 45.17
CA PHE A 377 4.43 -16.01 45.60
C PHE A 377 2.97 -15.61 45.42
N SER A 378 2.41 -14.96 46.44
CA SER A 378 1.00 -14.57 46.40
C SER A 378 0.75 -13.33 45.56
N SER A 379 1.76 -12.46 45.42
CA SER A 379 1.59 -11.23 44.66
C SER A 379 2.95 -10.67 44.31
N ILE A 380 2.97 -9.87 43.24
CA ILE A 380 4.16 -9.19 42.76
C ILE A 380 3.87 -7.71 42.63
N GLU A 381 4.91 -6.89 42.75
CA GLU A 381 4.76 -5.45 42.67
C GLU A 381 5.98 -4.85 41.97
N PRO A 382 5.77 -3.93 41.03
CA PRO A 382 6.90 -3.28 40.36
C PRO A 382 7.65 -2.37 41.33
N VAL A 383 8.79 -1.87 40.85
CA VAL A 383 9.69 -1.08 41.67
C VAL A 383 9.53 0.38 41.27
N GLU A 384 9.79 1.27 42.23
CA GLU A 384 9.40 2.68 42.10
C GLU A 384 10.06 3.34 40.90
N GLY A 385 11.39 3.27 40.80
CA GLY A 385 12.10 4.09 39.83
C GLY A 385 12.50 3.40 38.55
N PHE A 386 11.71 2.43 38.09
CA PHE A 386 12.06 1.69 36.89
C PHE A 386 11.83 2.52 35.64
N GLU A 387 12.87 2.64 34.81
CA GLU A 387 12.79 3.32 33.52
C GLU A 387 12.96 2.28 32.41
N LEU A 388 11.93 2.15 31.57
CA LEU A 388 11.95 1.14 30.52
C LEU A 388 13.08 1.39 29.53
N GLU A 389 13.35 2.66 29.22
CA GLU A 389 14.34 2.98 28.19
C GLU A 389 15.76 2.64 28.65
N LYS A 390 16.03 2.72 29.94
CA LYS A 390 17.38 2.50 30.46
C LYS A 390 17.71 1.02 30.64
N ASN A 391 16.78 0.12 30.36
CA ASN A 391 16.99 -1.31 30.61
C ASN A 391 16.64 -2.14 29.38
N LEU A 392 17.02 -1.65 28.20
CA LEU A 392 16.81 -2.37 26.95
C LEU A 392 18.12 -2.46 26.19
N THR A 393 18.30 -3.60 25.50
CA THR A 393 19.44 -3.81 24.62
C THR A 393 18.95 -4.38 23.30
N ALA A 394 19.76 -4.19 22.27
CA ALA A 394 19.43 -4.70 20.95
C ALA A 394 19.49 -6.23 20.93
N SER A 395 18.62 -6.83 20.13
CA SER A 395 18.52 -8.28 20.05
C SER A 395 17.98 -8.66 18.68
N ALA A 396 17.73 -9.96 18.50
CA ALA A 396 17.25 -10.45 17.21
C ALA A 396 15.81 -10.01 16.94
N THR A 397 14.97 -10.03 17.97
CA THR A 397 13.57 -9.64 17.81
C THR A 397 13.37 -8.13 17.84
N GLY A 398 14.36 -7.38 18.32
CA GLY A 398 14.24 -5.94 18.40
C GLY A 398 14.91 -5.36 19.62
N GLN A 399 14.20 -5.35 20.75
CA GLN A 399 14.74 -4.88 22.02
C GLN A 399 14.38 -5.87 23.11
N SER A 400 15.34 -6.20 23.96
CA SER A 400 15.17 -7.17 25.02
C SER A 400 15.48 -6.54 26.37
N LEU A 401 14.74 -6.97 27.39
CA LEU A 401 14.98 -6.48 28.75
C LEU A 401 16.30 -7.01 29.29
N THR A 402 17.19 -6.11 29.70
CA THR A 402 18.42 -6.52 30.36
C THR A 402 18.15 -6.95 31.79
N ASN A 403 17.25 -6.25 32.47
CA ASN A 403 16.80 -6.64 33.80
C ASN A 403 15.38 -6.12 33.99
N LEU A 404 14.70 -6.66 35.00
CA LEU A 404 13.33 -6.26 35.31
C LEU A 404 13.10 -6.43 36.81
N PRO A 405 13.30 -5.36 37.57
CA PRO A 405 13.07 -5.45 39.03
C PRO A 405 11.61 -5.67 39.37
N MET A 406 11.38 -6.42 40.45
CA MET A 406 10.05 -6.62 40.99
C MET A 406 10.17 -7.03 42.45
N ASN A 407 9.14 -6.73 43.22
CA ASN A 407 9.04 -7.18 44.60
C ASN A 407 8.07 -8.36 44.68
N VAL A 408 8.47 -9.40 45.40
CA VAL A 408 7.66 -10.60 45.55
C VAL A 408 7.27 -10.77 47.02
N TYR A 409 6.12 -11.40 47.24
CA TYR A 409 5.55 -11.50 48.57
C TYR A 409 4.96 -12.89 48.78
N LYS A 410 5.08 -13.40 50.00
CA LYS A 410 4.64 -14.74 50.39
C LYS A 410 5.37 -15.82 49.58
N VAL B 5 -10.14 22.70 0.88
CA VAL B 5 -9.63 22.25 -0.41
C VAL B 5 -8.38 21.40 -0.18
N ILE B 6 -8.17 20.41 -1.05
CA ILE B 6 -7.10 19.42 -0.90
C ILE B 6 -5.92 19.86 -1.75
N PRO B 7 -4.75 20.11 -1.16
CA PRO B 7 -3.56 20.40 -1.98
C PRO B 7 -2.98 19.13 -2.61
N VAL B 8 -3.35 18.87 -3.86
CA VAL B 8 -2.92 17.65 -4.53
C VAL B 8 -1.44 17.68 -4.88
N ASN B 9 -0.83 18.87 -4.90
CA ASN B 9 0.58 18.98 -5.30
C ASN B 9 1.52 18.24 -4.35
N GLU B 10 1.11 18.08 -3.09
CA GLU B 10 1.94 17.40 -2.12
C GLU B 10 1.93 15.88 -2.30
N ILE B 11 0.87 15.33 -2.88
CA ILE B 11 0.84 13.90 -3.15
C ILE B 11 1.84 13.53 -4.24
N THR B 12 1.95 14.36 -5.26
CA THR B 12 2.86 14.11 -6.38
C THR B 12 4.27 14.60 -6.10
N ASN B 13 4.40 15.83 -5.62
CA ASN B 13 5.69 16.43 -5.25
C ASN B 13 6.68 16.39 -6.42
N PHE B 14 6.23 16.88 -7.58
CA PHE B 14 7.09 16.96 -8.74
C PHE B 14 8.10 18.10 -8.58
N LYS B 15 9.28 17.92 -9.17
CA LYS B 15 10.33 18.92 -9.12
C LYS B 15 10.63 19.55 -10.48
N SER B 16 9.71 19.40 -11.44
CA SER B 16 9.87 20.01 -12.75
C SER B 16 8.52 20.05 -13.45
N ARG B 17 8.36 21.04 -14.32
CA ARG B 17 7.11 21.19 -15.06
C ARG B 17 6.95 20.07 -16.08
N ALA B 18 8.04 19.67 -16.74
CA ALA B 18 7.94 18.69 -17.81
C ALA B 18 7.47 17.33 -17.28
N GLU B 19 7.89 16.97 -16.07
CA GLU B 19 7.47 15.69 -15.50
C GLU B 19 5.96 15.70 -15.23
N GLU B 20 5.43 16.82 -14.75
CA GLU B 20 4.00 16.92 -14.50
C GLU B 20 3.21 16.89 -15.80
N PHE B 21 3.82 17.35 -16.91
CA PHE B 21 3.14 17.36 -18.19
C PHE B 21 2.87 15.95 -18.70
N PHE B 22 3.69 14.98 -18.32
CA PHE B 22 3.52 13.59 -18.73
C PHE B 22 4.11 12.68 -17.66
N PRO B 23 3.42 12.54 -16.52
CA PRO B 23 3.99 11.82 -15.37
C PRO B 23 4.00 10.31 -15.56
N ILE B 24 4.73 9.86 -16.57
CA ILE B 24 4.70 8.45 -16.92
C ILE B 24 5.51 7.63 -15.92
N GLU B 25 6.58 8.19 -15.37
CA GLU B 25 7.38 7.45 -14.40
C GLU B 25 6.64 7.32 -13.07
N TRP B 26 5.97 8.39 -12.63
CA TRP B 26 5.18 8.32 -11.41
C TRP B 26 4.04 7.32 -11.56
N TYR B 27 3.38 7.31 -12.72
CA TYR B 27 2.32 6.33 -12.96
C TYR B 27 2.84 4.91 -12.80
N LYS B 28 3.99 4.60 -13.39
CA LYS B 28 4.58 3.26 -13.25
C LYS B 28 4.82 2.92 -11.78
N ASP B 29 5.47 3.84 -11.05
CA ASP B 29 5.81 3.57 -9.67
C ASP B 29 4.56 3.31 -8.82
N MET B 30 3.50 4.09 -9.03
CA MET B 30 2.31 3.95 -8.20
C MET B 30 1.48 2.73 -8.62
N LEU B 31 1.40 2.45 -9.92
CA LEU B 31 0.68 1.25 -10.36
C LEU B 31 1.36 -0.02 -9.88
N HIS B 32 2.68 0.00 -9.75
CA HIS B 32 3.46 -1.19 -9.41
C HIS B 32 3.67 -1.34 -7.91
N HIS B 33 3.88 -0.24 -7.19
CA HIS B 33 4.25 -0.30 -5.78
C HIS B 33 3.18 0.18 -4.81
N HIS B 34 2.25 1.02 -5.25
CA HIS B 34 1.23 1.60 -4.37
C HIS B 34 -0.11 1.64 -5.07
N PRO B 35 -0.71 0.47 -5.36
CA PRO B 35 -2.02 0.46 -6.04
C PRO B 35 -3.08 1.19 -5.26
N VAL B 36 -3.17 0.95 -3.96
CA VAL B 36 -3.98 1.74 -3.04
C VAL B 36 -3.03 2.38 -2.04
N TYR B 37 -2.97 3.70 -2.06
CA TYR B 37 -1.88 4.44 -1.42
C TYR B 37 -2.45 5.50 -0.50
N TYR B 38 -2.25 5.33 0.81
CA TYR B 38 -2.61 6.34 1.78
C TYR B 38 -1.47 7.34 1.92
N HIS B 39 -1.81 8.62 1.84
CA HIS B 39 -0.83 9.70 1.94
C HIS B 39 -1.04 10.37 3.30
N GLU B 40 -0.03 10.30 4.16
CA GLU B 40 -0.20 10.70 5.54
C GLU B 40 -0.36 12.21 5.69
N GLN B 41 0.31 12.99 4.84
CA GLN B 41 0.31 14.44 5.01
C GLN B 41 -1.00 15.08 4.59
N THR B 42 -1.70 14.50 3.61
CA THR B 42 -2.97 15.04 3.15
C THR B 42 -4.18 14.27 3.68
N ASN B 43 -3.95 13.13 4.34
CA ASN B 43 -5.04 12.30 4.87
C ASN B 43 -6.02 11.90 3.76
N THR B 44 -5.46 11.41 2.66
CA THR B 44 -6.23 10.99 1.50
C THR B 44 -5.81 9.60 1.07
N TRP B 45 -6.77 8.83 0.58
CA TRP B 45 -6.52 7.57 -0.08
C TRP B 45 -6.46 7.79 -1.59
N ASN B 46 -5.46 7.18 -2.23
CA ASN B 46 -5.24 7.35 -3.67
C ASN B 46 -5.28 5.98 -4.34
N VAL B 47 -6.13 5.86 -5.36
CA VAL B 47 -6.34 4.60 -6.07
C VAL B 47 -5.89 4.79 -7.51
N PHE B 48 -5.16 3.80 -8.04
CA PHE B 48 -4.57 3.90 -9.37
C PHE B 48 -4.96 2.76 -10.31
N THR B 49 -5.40 1.61 -9.80
CA THR B 49 -5.80 0.52 -10.67
C THR B 49 -7.11 0.86 -11.40
N TYR B 50 -7.26 0.28 -12.58
CA TYR B 50 -8.49 0.50 -13.35
C TYR B 50 -9.71 0.02 -12.59
N GLU B 51 -9.63 -1.16 -11.97
CA GLU B 51 -10.77 -1.68 -11.23
C GLU B 51 -11.06 -0.83 -10.00
N GLY B 52 -10.01 -0.33 -9.34
CA GLY B 52 -10.23 0.51 -8.17
C GLY B 52 -10.85 1.85 -8.52
N VAL B 53 -10.33 2.50 -9.56
CA VAL B 53 -10.90 3.78 -9.99
C VAL B 53 -12.33 3.61 -10.45
N LYS B 54 -12.63 2.50 -11.14
CA LYS B 54 -13.99 2.26 -11.60
C LYS B 54 -14.95 2.05 -10.43
N GLN B 55 -14.48 1.40 -9.36
CA GLN B 55 -15.30 1.29 -8.16
C GLN B 55 -15.58 2.65 -7.55
N VAL B 56 -14.53 3.44 -7.33
CA VAL B 56 -14.68 4.75 -6.69
C VAL B 56 -15.62 5.64 -7.50
N LEU B 57 -15.38 5.75 -8.81
CA LEU B 57 -16.15 6.65 -9.65
C LEU B 57 -17.60 6.19 -9.80
N GLY B 58 -17.82 4.90 -10.05
CA GLY B 58 -19.13 4.42 -10.41
C GLY B 58 -20.05 4.04 -9.26
N ASN B 59 -19.48 3.46 -8.21
CA ASN B 59 -20.28 2.93 -7.10
C ASN B 59 -20.66 4.07 -6.16
N TYR B 60 -21.77 4.74 -6.47
CA TYR B 60 -22.22 5.87 -5.67
C TYR B 60 -22.75 5.45 -4.32
N GLU B 61 -23.14 4.18 -4.15
CA GLU B 61 -23.69 3.73 -2.88
C GLU B 61 -22.67 3.84 -1.75
N PHE B 62 -21.38 3.76 -2.07
CA PHE B 62 -20.33 3.82 -1.06
C PHE B 62 -19.43 5.05 -1.17
N PHE B 63 -19.41 5.72 -2.32
CA PHE B 63 -18.49 6.83 -2.57
C PHE B 63 -19.29 8.04 -3.01
N SER B 64 -19.22 9.11 -2.23
CA SER B 64 -20.06 10.28 -2.42
C SER B 64 -19.27 11.43 -3.05
N SER B 65 -19.96 12.22 -3.86
CA SER B 65 -19.39 13.45 -4.38
C SER B 65 -19.56 14.61 -3.40
N ALA B 66 -20.66 14.62 -2.64
CA ALA B 66 -20.83 15.59 -1.58
C ALA B 66 -19.85 15.29 -0.44
N GLY B 67 -18.95 16.23 -0.16
CA GLY B 67 -17.94 16.05 0.86
C GLY B 67 -17.24 17.35 1.21
N PRO B 68 -16.93 17.52 2.49
CA PRO B 68 -16.24 18.75 2.91
C PRO B 68 -14.93 19.00 2.18
N ARG B 69 -14.15 17.94 1.92
CA ARG B 69 -12.86 18.07 1.27
C ARG B 69 -13.00 17.81 -0.23
N THR B 70 -12.47 18.72 -1.03
CA THR B 70 -12.57 18.63 -2.48
C THR B 70 -11.23 19.03 -3.11
N THR B 71 -10.98 18.50 -4.30
CA THR B 71 -9.71 18.74 -4.98
C THR B 71 -9.86 19.81 -6.06
N LEU B 86 -30.37 21.99 -6.84
CA LEU B 86 -30.84 21.59 -8.16
C LEU B 86 -29.94 22.21 -9.24
N THR B 87 -29.13 23.19 -8.85
CA THR B 87 -28.34 23.95 -9.80
C THR B 87 -26.93 23.41 -9.98
N ASN B 88 -26.35 22.79 -8.95
CA ASN B 88 -24.96 22.31 -8.98
C ASN B 88 -25.00 20.79 -8.88
N LEU B 89 -24.99 20.11 -10.02
CA LEU B 89 -25.12 18.66 -10.08
C LEU B 89 -23.80 17.93 -9.86
N THR B 90 -22.70 18.64 -9.58
CA THR B 90 -21.42 17.98 -9.39
C THR B 90 -21.11 17.67 -7.93
N LEU B 91 -21.87 18.22 -6.99
CA LEU B 91 -21.70 17.93 -5.57
C LEU B 91 -22.90 17.17 -4.99
N VAL B 92 -23.61 16.41 -5.82
CA VAL B 92 -24.83 15.73 -5.41
C VAL B 92 -24.79 14.30 -5.92
N ASP B 93 -25.52 13.41 -5.23
CA ASP B 93 -25.52 11.98 -5.48
C ASP B 93 -26.86 11.51 -6.03
N PRO B 94 -26.91 10.33 -6.63
CA PRO B 94 -28.12 9.88 -7.38
C PRO B 94 -29.42 10.02 -6.60
N PRO B 95 -29.43 9.85 -5.26
CA PRO B 95 -30.69 10.10 -4.53
C PRO B 95 -31.26 11.50 -4.72
N ASP B 96 -30.61 12.33 -5.53
CA ASP B 96 -31.11 13.67 -5.84
C ASP B 96 -30.49 14.17 -7.14
N HIS B 97 -29.45 13.47 -7.62
CA HIS B 97 -28.69 13.90 -8.80
C HIS B 97 -29.50 13.80 -10.10
N ARG B 98 -30.54 12.97 -10.14
CA ARG B 98 -31.23 12.73 -11.41
C ARG B 98 -31.91 13.99 -11.94
N LYS B 99 -32.39 14.86 -11.06
CA LYS B 99 -33.14 16.03 -11.50
C LYS B 99 -32.24 17.02 -12.22
N GLY B 100 -31.11 17.39 -11.61
CA GLY B 100 -30.18 18.29 -12.26
C GLY B 100 -29.51 17.66 -13.47
N ARG B 101 -29.24 16.36 -13.42
CA ARG B 101 -28.65 15.67 -14.56
C ARG B 101 -29.57 15.69 -15.77
N SER B 102 -30.85 15.34 -15.56
CA SER B 102 -31.79 15.27 -16.66
C SER B 102 -32.05 16.64 -17.28
N LEU B 103 -32.16 17.68 -16.43
CA LEU B 103 -32.34 19.03 -16.94
C LEU B 103 -31.19 19.43 -17.86
N LEU B 104 -29.95 19.17 -17.42
CA LEU B 104 -28.79 19.55 -18.22
C LEU B 104 -28.64 18.67 -19.45
N ALA B 105 -29.06 17.41 -19.35
CA ALA B 105 -28.94 16.49 -20.48
C ALA B 105 -29.86 16.86 -21.63
N ALA B 106 -30.95 17.59 -21.37
CA ALA B 106 -31.86 17.98 -22.44
C ALA B 106 -31.21 18.90 -23.46
N ALA B 107 -30.08 19.51 -23.12
CA ALA B 107 -29.35 20.36 -24.06
C ALA B 107 -28.29 19.60 -24.84
N PHE B 108 -28.00 18.35 -24.47
CA PHE B 108 -26.97 17.53 -25.10
C PHE B 108 -27.54 16.23 -25.64
N THR B 109 -28.73 16.30 -26.25
CA THR B 109 -29.33 15.12 -26.85
C THR B 109 -28.57 14.73 -28.11
N PRO B 110 -28.71 13.48 -28.56
CA PRO B 110 -28.16 13.11 -29.87
C PRO B 110 -28.69 13.97 -31.01
N ARG B 111 -29.86 14.60 -30.84
CA ARG B 111 -30.38 15.50 -31.85
C ARG B 111 -29.54 16.77 -31.95
N SER B 112 -29.31 17.44 -30.82
CA SER B 112 -28.52 18.66 -30.83
C SER B 112 -27.10 18.41 -31.31
N LEU B 113 -26.51 17.28 -30.90
CA LEU B 113 -25.15 16.97 -31.32
C LEU B 113 -25.06 16.78 -32.83
N LYS B 114 -26.10 16.19 -33.43
CA LYS B 114 -26.11 15.98 -34.87
C LYS B 114 -26.07 17.30 -35.64
N ASN B 115 -26.79 18.31 -35.16
CA ASN B 115 -26.83 19.61 -35.83
C ASN B 115 -25.61 20.46 -35.52
N TRP B 116 -24.83 20.12 -34.51
CA TRP B 116 -23.65 20.91 -34.16
C TRP B 116 -22.46 20.59 -35.05
N GLU B 117 -22.46 19.44 -35.72
CA GLU B 117 -21.32 19.08 -36.56
C GLU B 117 -21.02 20.12 -37.62
N PRO B 118 -21.97 20.60 -38.43
CA PRO B 118 -21.61 21.62 -39.43
C PRO B 118 -21.21 22.94 -38.81
N ARG B 119 -21.77 23.30 -37.66
CA ARG B 119 -21.40 24.57 -37.03
C ARG B 119 -19.98 24.51 -36.47
N ILE B 120 -19.61 23.39 -35.84
CA ILE B 120 -18.25 23.22 -35.36
C ILE B 120 -17.30 23.05 -36.54
N LYS B 121 -17.70 22.29 -37.56
CA LYS B 121 -16.88 22.13 -38.75
C LYS B 121 -16.64 23.46 -39.45
N GLN B 122 -17.61 24.38 -39.39
CA GLN B 122 -17.46 25.66 -40.06
C GLN B 122 -16.47 26.56 -39.32
N ILE B 123 -16.49 26.53 -37.98
CA ILE B 123 -15.55 27.33 -37.21
C ILE B 123 -14.13 26.83 -37.41
N ALA B 124 -13.95 25.51 -37.49
CA ALA B 124 -12.62 24.95 -37.70
C ALA B 124 -12.06 25.32 -39.07
N GLU B 125 -12.92 25.49 -40.07
CA GLU B 125 -12.44 25.86 -41.40
C GLU B 125 -11.77 27.23 -41.39
N GLU B 126 -12.40 28.21 -40.73
CA GLU B 126 -11.78 29.53 -40.61
C GLU B 126 -10.42 29.45 -39.95
N LEU B 127 -10.27 28.60 -38.94
CA LEU B 127 -9.00 28.53 -38.21
C LEU B 127 -7.93 27.83 -39.05
N VAL B 128 -8.32 26.81 -39.81
CA VAL B 128 -7.34 26.07 -40.61
C VAL B 128 -7.02 26.81 -41.89
N GLU B 129 -8.03 27.42 -42.53
CA GLU B 129 -7.78 28.22 -43.72
C GLU B 129 -6.94 29.44 -43.41
N ASN B 130 -7.02 29.96 -42.18
CA ASN B 130 -6.21 31.11 -41.82
C ASN B 130 -4.74 30.72 -41.74
N ILE B 131 -4.46 29.48 -41.35
CA ILE B 131 -3.09 29.00 -41.19
C ILE B 131 -2.44 28.87 -42.56
N GLN B 132 -1.36 29.60 -42.77
CA GLN B 132 -0.48 29.38 -43.91
C GLN B 132 0.92 29.12 -43.39
N ASP B 133 1.70 28.33 -44.13
CA ASP B 133 2.99 27.90 -43.63
C ASP B 133 3.96 29.08 -43.57
N ASN B 134 4.67 29.35 -44.67
CA ASN B 134 5.66 30.42 -44.74
C ASN B 134 6.75 30.24 -43.67
N ASN B 135 6.33 30.19 -42.41
CA ASN B 135 7.26 30.04 -41.29
C ASN B 135 6.62 29.08 -40.29
N GLU B 136 7.20 28.98 -39.10
CA GLU B 136 6.65 28.15 -38.05
C GLU B 136 5.36 28.74 -37.50
N ILE B 137 4.41 27.88 -37.15
CA ILE B 137 3.13 28.31 -36.63
C ILE B 137 3.03 27.86 -35.18
N ASN B 138 2.10 28.48 -34.45
CA ASN B 138 1.80 28.12 -33.07
C ASN B 138 0.40 27.51 -33.06
N ILE B 139 0.34 26.17 -33.01
CA ILE B 139 -0.94 25.49 -33.13
C ILE B 139 -1.82 25.71 -31.91
N VAL B 140 -1.25 26.16 -30.79
CA VAL B 140 -2.07 26.47 -29.62
C VAL B 140 -2.90 27.72 -29.87
N GLU B 141 -2.25 28.82 -30.26
CA GLU B 141 -2.97 30.06 -30.51
C GLU B 141 -3.80 29.98 -31.79
N ALA B 142 -3.38 29.17 -32.76
CA ALA B 142 -4.04 29.12 -34.05
C ALA B 142 -5.23 28.18 -34.10
N LEU B 143 -5.37 27.27 -33.14
CA LEU B 143 -6.43 26.27 -33.21
C LEU B 143 -6.82 25.73 -31.84
N ALA B 144 -5.84 25.31 -31.05
CA ALA B 144 -6.14 24.61 -29.81
C ALA B 144 -6.89 25.49 -28.82
N ALA B 145 -6.46 26.73 -28.66
CA ALA B 145 -7.11 27.65 -27.73
C ALA B 145 -8.40 28.25 -28.30
N PRO B 146 -8.40 28.81 -29.52
CA PRO B 146 -9.62 29.50 -29.97
C PRO B 146 -10.80 28.56 -30.24
N LEU B 147 -10.56 27.36 -30.74
CA LEU B 147 -11.67 26.51 -31.19
C LEU B 147 -12.70 26.23 -30.11
N PRO B 148 -12.34 25.73 -28.91
CA PRO B 148 -13.39 25.48 -27.91
C PRO B 148 -14.13 26.73 -27.48
N SER B 149 -13.41 27.85 -27.36
CA SER B 149 -14.06 29.11 -26.98
C SER B 149 -15.04 29.57 -28.05
N MET B 150 -14.61 29.58 -29.31
CA MET B 150 -15.49 30.00 -30.39
C MET B 150 -16.66 29.05 -30.57
N VAL B 151 -16.42 27.74 -30.37
CA VAL B 151 -17.49 26.75 -30.53
C VAL B 151 -18.54 26.92 -29.43
N ILE B 152 -18.09 27.04 -28.18
CA ILE B 152 -19.05 27.10 -27.07
C ILE B 152 -19.86 28.39 -27.13
N ALA B 153 -19.26 29.48 -27.63
CA ALA B 153 -20.03 30.70 -27.85
C ALA B 153 -21.14 30.49 -28.87
N ASP B 154 -20.83 29.73 -29.93
CA ASP B 154 -21.83 29.44 -30.96
C ASP B 154 -22.99 28.63 -30.38
N LEU B 155 -22.66 27.52 -29.68
CA LEU B 155 -23.71 26.66 -29.15
C LEU B 155 -24.49 27.31 -28.01
N PHE B 156 -23.91 28.30 -27.34
CA PHE B 156 -24.66 29.05 -26.34
C PHE B 156 -25.71 29.97 -26.96
N GLY B 157 -25.57 30.29 -28.23
CA GLY B 157 -26.47 31.26 -28.85
C GLY B 157 -26.12 32.70 -28.59
N VAL B 158 -24.89 32.98 -28.18
CA VAL B 158 -24.45 34.37 -27.99
C VAL B 158 -24.55 35.11 -29.32
N PRO B 159 -25.19 36.28 -29.36
CA PRO B 159 -25.29 37.02 -30.63
C PRO B 159 -23.92 37.26 -31.26
N ILE B 160 -23.92 37.29 -32.60
CA ILE B 160 -22.65 37.29 -33.34
C ILE B 160 -21.84 38.54 -33.06
N GLN B 161 -22.52 39.68 -32.87
CA GLN B 161 -21.80 40.94 -32.67
C GLN B 161 -21.15 41.05 -31.30
N ASP B 162 -21.44 40.14 -30.38
CA ASP B 162 -20.87 40.17 -29.04
C ASP B 162 -19.88 39.05 -28.79
N ARG B 163 -19.60 38.20 -29.78
CA ARG B 163 -18.73 37.05 -29.55
C ARG B 163 -17.31 37.49 -29.19
N ALA B 164 -16.87 38.64 -29.69
CA ALA B 164 -15.54 39.14 -29.35
C ALA B 164 -15.43 39.44 -27.86
N GLN B 165 -16.40 40.17 -27.32
CA GLN B 165 -16.40 40.45 -25.88
C GLN B 165 -16.57 39.18 -25.07
N PHE B 166 -17.47 38.30 -25.50
CA PHE B 166 -17.65 37.01 -24.83
C PHE B 166 -16.34 36.22 -24.80
N LYS B 167 -15.68 36.12 -25.95
CA LYS B 167 -14.40 35.41 -26.04
C LYS B 167 -13.39 35.98 -25.05
N GLU B 168 -13.39 37.30 -24.88
CA GLU B 168 -12.44 37.93 -23.97
C GLU B 168 -12.68 37.51 -22.53
N TRP B 169 -13.94 37.45 -22.10
CA TRP B 169 -14.25 36.98 -20.76
C TRP B 169 -13.80 35.54 -20.56
N VAL B 170 -14.06 34.67 -21.53
CA VAL B 170 -13.69 33.26 -21.39
C VAL B 170 -12.18 33.09 -21.35
N ASP B 171 -11.44 33.93 -22.08
CA ASP B 171 -9.98 33.84 -22.06
C ASP B 171 -9.44 34.26 -20.69
N ILE B 172 -10.11 35.18 -20.01
CA ILE B 172 -9.67 35.60 -18.68
C ILE B 172 -10.07 34.54 -17.65
N LEU B 173 -11.24 33.93 -17.81
CA LEU B 173 -11.75 33.01 -16.81
C LEU B 173 -11.10 31.63 -16.91
N PHE B 174 -11.01 31.07 -18.12
CA PHE B 174 -10.68 29.66 -18.28
C PHE B 174 -9.53 29.39 -19.23
N GLN B 175 -8.75 30.40 -19.59
CA GLN B 175 -7.58 30.18 -20.44
C GLN B 175 -6.32 30.69 -19.74
N PRO B 176 -5.29 29.85 -19.53
CA PRO B 176 -4.09 30.25 -18.80
C PRO B 176 -3.09 31.01 -19.67
N ASP B 184 -3.79 42.95 -10.10
CA ASP B 184 -3.66 41.54 -9.73
C ASP B 184 -4.59 40.68 -10.58
N ILE B 185 -4.19 39.43 -10.82
CA ILE B 185 -4.94 38.56 -11.71
C ILE B 185 -6.29 38.17 -11.10
N GLU B 186 -6.33 38.00 -9.77
CA GLU B 186 -7.56 37.53 -9.14
C GLU B 186 -8.66 38.59 -9.13
N LEU B 187 -8.28 39.87 -9.08
CA LEU B 187 -9.27 40.93 -9.18
C LEU B 187 -9.78 41.09 -10.61
N GLN B 188 -8.90 40.85 -11.60
CA GLN B 188 -9.33 40.85 -12.99
C GLN B 188 -10.38 39.78 -13.26
N LYS B 189 -10.37 38.70 -12.47
CA LYS B 189 -11.30 37.60 -12.70
C LYS B 189 -12.68 37.88 -12.09
N GLN B 190 -12.72 38.50 -10.90
CA GLN B 190 -14.02 38.80 -10.31
C GLN B 190 -14.72 39.92 -11.07
N ASN B 191 -13.98 40.78 -11.75
CA ASN B 191 -14.59 41.74 -12.66
C ASN B 191 -15.13 41.04 -13.91
N ALA B 192 -14.48 39.97 -14.34
CA ALA B 192 -14.98 39.20 -15.47
C ALA B 192 -16.26 38.44 -15.09
N ALA B 193 -16.28 37.85 -13.89
CA ALA B 193 -17.49 37.17 -13.42
C ALA B 193 -18.66 38.14 -13.30
N LYS B 194 -18.39 39.35 -12.77
CA LYS B 194 -19.45 40.35 -12.68
C LYS B 194 -19.99 40.71 -14.06
N GLU B 195 -19.10 41.03 -14.99
CA GLU B 195 -19.53 41.39 -16.34
C GLU B 195 -20.23 40.24 -17.04
N TYR B 196 -19.82 39.01 -16.76
CA TYR B 196 -20.45 37.86 -17.40
C TYR B 196 -21.89 37.71 -16.95
N PHE B 197 -22.13 37.72 -15.64
CA PHE B 197 -23.48 37.52 -15.13
C PHE B 197 -24.39 38.69 -15.48
N GLN B 198 -23.85 39.91 -15.50
CA GLN B 198 -24.67 41.07 -15.84
C GLN B 198 -25.02 41.08 -17.33
N TYR B 199 -24.14 40.56 -18.19
CA TYR B 199 -24.45 40.54 -19.62
C TYR B 199 -25.40 39.40 -19.98
N LEU B 200 -25.17 38.20 -19.42
CA LEU B 200 -25.89 37.02 -19.88
C LEU B 200 -27.31 36.93 -19.34
N TYR B 201 -27.60 37.57 -18.21
CA TYR B 201 -28.95 37.51 -17.66
C TYR B 201 -29.98 38.15 -18.58
N PRO B 202 -29.76 39.34 -19.16
CA PRO B 202 -30.72 39.82 -20.17
C PRO B 202 -30.83 38.91 -21.38
N ILE B 203 -29.74 38.23 -21.77
CA ILE B 203 -29.78 37.33 -22.91
C ILE B 203 -30.74 36.17 -22.64
N VAL B 204 -30.65 35.58 -21.44
CA VAL B 204 -31.53 34.47 -21.07
C VAL B 204 -32.97 34.92 -21.04
N VAL B 205 -33.23 36.17 -20.63
CA VAL B 205 -34.60 36.68 -20.65
C VAL B 205 -35.10 36.82 -22.07
N GLN B 206 -34.26 37.31 -22.98
CA GLN B 206 -34.65 37.43 -24.38
C GLN B 206 -34.95 36.06 -24.99
N LYS B 207 -34.11 35.06 -24.70
CA LYS B 207 -34.26 33.77 -25.35
C LYS B 207 -35.53 33.04 -24.90
N ARG B 208 -36.04 33.35 -23.71
CA ARG B 208 -37.30 32.76 -23.28
C ARG B 208 -38.46 33.18 -24.17
N SER B 209 -38.37 34.36 -24.78
CA SER B 209 -39.38 34.82 -25.72
C SER B 209 -38.97 34.63 -27.18
N ASN B 210 -37.78 34.07 -27.42
CA ASN B 210 -37.26 33.87 -28.77
C ASN B 210 -36.43 32.58 -28.77
N LEU B 211 -37.12 31.44 -28.70
CA LEU B 211 -36.45 30.14 -28.69
C LEU B 211 -35.75 29.91 -30.02
N SER B 212 -34.42 29.86 -29.99
CA SER B 212 -33.62 29.55 -31.18
C SER B 212 -33.11 28.12 -31.10
N ASP B 213 -31.97 27.85 -31.71
CA ASP B 213 -31.39 26.50 -31.75
C ASP B 213 -30.03 26.54 -31.05
N ASP B 214 -30.04 26.77 -29.74
CA ASP B 214 -28.82 26.86 -28.96
C ASP B 214 -29.02 26.24 -27.59
N ILE B 215 -27.94 26.17 -26.81
CA ILE B 215 -27.98 25.50 -25.52
C ILE B 215 -28.83 26.26 -24.53
N ILE B 216 -28.76 27.59 -24.55
CA ILE B 216 -29.52 28.39 -23.59
C ILE B 216 -31.02 28.23 -23.86
N SER B 217 -31.41 28.16 -25.12
CA SER B 217 -32.80 27.88 -25.45
C SER B 217 -33.20 26.48 -25.01
N ASP B 218 -32.28 25.53 -25.06
CA ASP B 218 -32.59 24.16 -24.63
C ASP B 218 -32.72 24.09 -23.11
N LEU B 219 -31.88 24.82 -22.38
CA LEU B 219 -31.97 24.83 -20.93
C LEU B 219 -33.25 25.51 -20.45
N ILE B 220 -33.79 26.45 -21.23
CA ILE B 220 -35.02 27.14 -20.83
C ILE B 220 -36.19 26.16 -20.85
N GLN B 221 -36.46 25.56 -22.00
CA GLN B 221 -37.62 24.68 -22.16
C GLN B 221 -37.44 23.32 -21.52
N ALA B 222 -36.29 23.03 -20.92
CA ALA B 222 -36.09 21.74 -20.28
C ALA B 222 -36.99 21.62 -19.05
N GLU B 223 -37.63 20.46 -18.91
CA GLU B 223 -38.54 20.22 -17.80
C GLU B 223 -38.30 18.84 -17.22
N VAL B 224 -38.25 18.74 -15.90
CA VAL B 224 -38.10 17.48 -15.18
C VAL B 224 -38.93 17.56 -13.91
N ASP B 225 -39.78 16.55 -13.68
CA ASP B 225 -40.67 16.51 -12.53
C ASP B 225 -41.57 17.75 -12.45
N GLY B 226 -41.81 18.39 -13.58
CA GLY B 226 -42.55 19.63 -13.63
C GLY B 226 -41.74 20.87 -13.35
N GLU B 227 -40.61 20.75 -12.66
CA GLU B 227 -39.78 21.89 -12.35
C GLU B 227 -38.94 22.29 -13.56
N LYS B 228 -38.51 23.54 -13.58
CA LYS B 228 -37.69 24.08 -14.65
C LYS B 228 -36.57 24.92 -14.04
N PHE B 229 -35.66 25.36 -14.91
CA PHE B 229 -34.65 26.33 -14.51
C PHE B 229 -35.24 27.73 -14.47
N THR B 230 -34.74 28.55 -13.55
CA THR B 230 -35.03 29.97 -13.56
C THR B 230 -33.93 30.72 -14.31
N ASP B 231 -34.19 32.01 -14.57
CA ASP B 231 -33.23 32.82 -15.31
C ASP B 231 -31.89 32.89 -14.60
N ASN B 232 -31.91 33.11 -13.27
CA ASN B 232 -30.66 33.15 -12.52
C ASN B 232 -29.97 31.80 -12.50
N GLU B 233 -30.73 30.70 -12.47
CA GLU B 233 -30.12 29.38 -12.44
C GLU B 233 -29.46 29.03 -13.77
N ILE B 234 -30.02 29.49 -14.89
CA ILE B 234 -29.46 29.16 -16.19
C ILE B 234 -28.10 29.82 -16.38
N VAL B 235 -27.94 31.06 -15.90
CA VAL B 235 -26.67 31.76 -16.06
C VAL B 235 -25.56 31.04 -15.30
N GLN B 236 -25.86 30.58 -14.08
CA GLN B 236 -24.90 29.77 -13.35
C GLN B 236 -24.56 28.49 -14.11
N VAL B 237 -25.56 27.86 -14.72
CA VAL B 237 -25.32 26.60 -15.42
C VAL B 237 -24.36 26.80 -16.59
N THR B 238 -24.55 27.88 -17.35
CA THR B 238 -23.64 28.18 -18.44
C THR B 238 -22.21 28.40 -17.93
N MET B 239 -22.08 29.05 -16.77
CA MET B 239 -20.76 29.20 -16.17
C MET B 239 -20.16 27.86 -15.78
N LEU B 240 -21.01 26.87 -15.48
CA LEU B 240 -20.51 25.53 -15.18
C LEU B 240 -20.03 24.82 -16.45
N LEU B 241 -20.70 25.07 -17.58
CA LEU B 241 -20.31 24.41 -18.81
C LEU B 241 -19.01 25.00 -19.37
N LEU B 242 -18.85 26.32 -19.29
CA LEU B 242 -17.61 26.94 -19.72
C LEU B 242 -16.43 26.42 -18.91
N GLY B 243 -16.59 26.31 -17.60
CA GLY B 243 -15.53 25.78 -16.76
C GLY B 243 -15.24 24.31 -16.97
N ALA B 244 -16.19 23.56 -17.52
CA ALA B 244 -16.08 22.11 -17.62
C ALA B 244 -15.56 21.64 -18.98
N GLY B 245 -15.68 22.44 -20.03
CA GLY B 245 -15.35 21.96 -21.34
C GLY B 245 -14.70 22.95 -22.29
N VAL B 246 -14.07 23.98 -21.75
CA VAL B 246 -13.29 24.93 -22.55
C VAL B 246 -11.80 24.68 -22.39
N GLU B 247 -11.32 24.61 -21.15
CA GLU B 247 -9.89 24.40 -20.93
C GLU B 247 -9.48 22.95 -21.15
N THR B 248 -10.30 22.01 -20.67
CA THR B 248 -9.99 20.59 -20.86
C THR B 248 -9.95 20.23 -22.34
N THR B 249 -10.84 20.83 -23.15
CA THR B 249 -10.84 20.54 -24.57
C THR B 249 -9.62 21.16 -25.27
N SER B 250 -9.29 22.40 -24.94
CA SER B 250 -8.07 23.01 -25.48
C SER B 250 -6.84 22.21 -25.09
N HIS B 251 -6.82 21.67 -23.87
CA HIS B 251 -5.68 20.86 -23.44
C HIS B 251 -5.55 19.60 -24.29
N ALA B 252 -6.66 18.89 -24.49
CA ALA B 252 -6.64 17.65 -25.26
C ALA B 252 -6.19 17.89 -26.69
N ILE B 253 -6.64 18.98 -27.30
CA ILE B 253 -6.25 19.29 -28.67
C ILE B 253 -4.77 19.62 -28.74
N ALA B 254 -4.26 20.36 -27.74
CA ALA B 254 -2.85 20.72 -27.75
C ALA B 254 -1.97 19.50 -27.53
N ASN B 255 -2.37 18.60 -26.63
CA ASN B 255 -1.60 17.39 -26.39
C ASN B 255 -1.65 16.44 -27.58
N THR B 256 -2.77 16.43 -28.31
CA THR B 256 -2.84 15.60 -29.51
C THR B 256 -1.79 16.02 -30.53
N PHE B 257 -1.60 17.32 -30.71
CA PHE B 257 -0.59 17.79 -31.67
C PHE B 257 0.82 17.59 -31.13
N TYR B 258 1.01 17.66 -29.81
CA TYR B 258 2.32 17.36 -29.24
C TYR B 258 2.68 15.90 -29.45
N SER B 259 1.69 15.01 -29.31
CA SER B 259 1.95 13.59 -29.51
C SER B 259 2.20 13.28 -30.98
N LEU B 260 1.47 13.94 -31.88
CA LEU B 260 1.74 13.81 -33.32
C LEU B 260 3.12 14.35 -33.71
N LEU B 261 3.79 15.05 -32.79
CA LEU B 261 5.08 15.67 -33.08
C LEU B 261 6.24 14.98 -32.39
N TYR B 262 6.06 14.45 -31.19
CA TYR B 262 7.17 13.93 -30.41
C TYR B 262 6.98 12.50 -29.92
N ASP B 263 5.85 11.86 -30.21
CA ASP B 263 5.64 10.49 -29.76
C ASP B 263 5.83 9.49 -30.90
N ASP B 264 4.75 9.20 -31.63
CA ASP B 264 4.80 8.28 -32.75
C ASP B 264 4.92 9.09 -34.04
N GLU B 265 6.09 9.02 -34.68
CA GLU B 265 6.34 9.82 -35.87
C GLU B 265 5.48 9.35 -37.04
N SER B 266 5.24 8.04 -37.14
CA SER B 266 4.49 7.48 -38.25
C SER B 266 2.98 7.72 -38.15
N LEU B 267 2.49 8.19 -37.00
CA LEU B 267 1.05 8.29 -36.80
C LEU B 267 0.41 9.30 -37.75
N TYR B 268 1.09 10.42 -38.01
CA TYR B 268 0.51 11.46 -38.85
C TYR B 268 0.26 10.95 -40.27
N GLY B 269 1.25 10.26 -40.85
CA GLY B 269 1.08 9.72 -42.19
C GLY B 269 -0.04 8.69 -42.28
N GLU B 270 -0.26 7.94 -41.20
CA GLU B 270 -1.38 6.99 -41.19
C GLU B 270 -2.71 7.73 -41.24
N LEU B 271 -2.85 8.79 -40.44
CA LEU B 271 -4.09 9.55 -40.42
C LEU B 271 -4.39 10.20 -41.76
N ARG B 272 -3.34 10.63 -42.48
CA ARG B 272 -3.57 11.27 -43.77
C ARG B 272 -3.85 10.25 -44.86
N ASN B 273 -3.25 9.07 -44.76
CA ASN B 273 -3.56 8.01 -45.73
C ASN B 273 -5.01 7.59 -45.64
N ASP B 274 -5.53 7.46 -44.41
CA ASP B 274 -6.92 7.10 -44.18
C ASP B 274 -7.50 8.06 -43.14
N LEU B 275 -8.35 8.98 -43.58
CA LEU B 275 -8.98 9.92 -42.66
C LEU B 275 -9.93 9.24 -41.70
N GLU B 276 -10.39 8.03 -42.02
CA GLU B 276 -11.34 7.32 -41.16
C GLU B 276 -10.72 6.86 -39.84
N LEU B 277 -9.41 7.05 -39.65
CA LEU B 277 -8.74 6.64 -38.43
C LEU B 277 -8.74 7.73 -37.36
N VAL B 278 -9.26 8.91 -37.68
CA VAL B 278 -9.23 10.02 -36.71
C VAL B 278 -10.01 9.70 -35.44
N PRO B 279 -11.24 9.14 -35.50
CA PRO B 279 -11.92 8.76 -34.25
C PRO B 279 -11.08 7.87 -33.34
N ASN B 280 -10.41 6.86 -33.90
CA ASN B 280 -9.54 6.01 -33.09
C ASN B 280 -8.37 6.79 -32.53
N ALA B 281 -7.75 7.65 -33.34
CA ALA B 281 -6.66 8.48 -32.85
C ALA B 281 -7.13 9.40 -31.73
N VAL B 282 -8.31 9.99 -31.87
CA VAL B 282 -8.84 10.87 -30.84
C VAL B 282 -9.03 10.09 -29.54
N GLU B 283 -9.62 8.90 -29.63
CA GLU B 283 -9.87 8.09 -28.44
C GLU B 283 -8.57 7.64 -27.78
N GLU B 284 -7.52 7.43 -28.57
CA GLU B 284 -6.25 7.00 -28.00
C GLU B 284 -5.48 8.17 -27.37
N MET B 285 -5.66 9.38 -27.89
CA MET B 285 -5.06 10.54 -27.25
C MET B 285 -5.68 10.80 -25.88
N LEU B 286 -6.97 10.53 -25.72
CA LEU B 286 -7.63 10.72 -24.43
C LEU B 286 -7.15 9.68 -23.42
N ARG B 287 -6.81 8.47 -23.88
CA ARG B 287 -6.27 7.47 -22.97
C ARG B 287 -4.84 7.77 -22.58
N TYR B 288 -4.01 8.17 -23.55
CA TYR B 288 -2.56 8.23 -23.40
C TYR B 288 -2.03 9.60 -23.01
N ARG B 289 -2.60 10.68 -23.55
CA ARG B 289 -1.97 12.01 -23.46
C ARG B 289 -2.89 13.06 -22.84
N PHE B 290 -3.73 12.68 -21.88
CA PHE B 290 -4.49 13.66 -21.11
C PHE B 290 -4.13 13.50 -19.64
N HIS B 291 -3.31 14.43 -19.14
CA HIS B 291 -2.82 14.38 -17.77
C HIS B 291 -2.91 15.78 -17.17
N MET B 292 -3.36 15.84 -15.92
CA MET B 292 -3.72 14.66 -15.16
C MET B 292 -5.21 14.62 -14.88
N SER B 293 -5.79 13.42 -14.83
CA SER B 293 -7.20 13.23 -14.55
C SER B 293 -7.35 12.63 -13.15
N ARG B 294 -8.17 13.27 -12.32
CA ARG B 294 -8.34 12.88 -10.93
C ARG B 294 -9.55 13.57 -10.30
N ARG B 295 -10.44 12.77 -9.69
CA ARG B 295 -11.60 13.28 -8.98
C ARG B 295 -11.66 12.65 -7.60
N ASP B 296 -12.25 13.36 -6.66
CA ASP B 296 -12.36 12.90 -5.28
C ASP B 296 -13.74 12.32 -5.00
N ARG B 297 -13.78 11.39 -4.06
CA ARG B 297 -15.03 10.84 -3.54
C ARG B 297 -14.89 10.66 -2.04
N THR B 298 -15.95 10.97 -1.30
CA THR B 298 -15.97 10.82 0.15
C THR B 298 -16.72 9.55 0.52
N VAL B 299 -16.13 8.73 1.39
CA VAL B 299 -16.71 7.44 1.73
C VAL B 299 -17.92 7.65 2.64
N LYS B 300 -19.05 7.07 2.26
CA LYS B 300 -20.28 7.20 3.02
C LYS B 300 -20.63 5.94 3.80
N LYS B 301 -19.97 4.82 3.54
CA LYS B 301 -20.26 3.57 4.24
C LYS B 301 -18.97 2.76 4.36
N ASP B 302 -18.80 2.12 5.53
CA ASP B 302 -17.65 1.27 5.77
C ASP B 302 -17.62 0.10 4.78
N ASN B 303 -16.44 -0.15 4.22
CA ASN B 303 -16.28 -1.23 3.24
C ASN B 303 -14.79 -1.52 3.08
N ASN B 304 -14.50 -2.67 2.49
CA ASN B 304 -13.15 -3.04 2.09
C ASN B 304 -13.13 -3.40 0.61
N LEU B 305 -13.92 -2.66 -0.19
CA LEU B 305 -14.07 -2.94 -1.61
C LEU B 305 -12.81 -2.62 -2.41
N LEU B 306 -11.88 -1.87 -1.84
CA LEU B 306 -10.62 -1.53 -2.50
C LEU B 306 -9.44 -2.34 -1.99
N GLY B 307 -9.67 -3.25 -1.04
CA GLY B 307 -8.61 -4.01 -0.41
C GLY B 307 -8.10 -3.43 0.88
N VAL B 308 -8.66 -2.31 1.35
CA VAL B 308 -8.34 -1.73 2.65
C VAL B 308 -9.64 -1.33 3.32
N GLU B 309 -9.61 -1.27 4.65
CA GLU B 309 -10.79 -0.96 5.44
C GLU B 309 -10.99 0.55 5.47
N LEU B 310 -11.93 1.04 4.69
CA LEU B 310 -12.26 2.47 4.62
C LEU B 310 -13.43 2.78 5.54
N LYS B 311 -13.28 3.83 6.34
CA LYS B 311 -14.32 4.31 7.23
C LYS B 311 -15.06 5.49 6.62
N GLU B 312 -16.19 5.83 7.22
CA GLU B 312 -16.97 6.98 6.77
C GLU B 312 -16.17 8.25 6.90
N GLY B 313 -16.35 9.17 5.95
CA GLY B 313 -15.64 10.42 5.95
C GLY B 313 -14.27 10.38 5.30
N ASP B 314 -13.80 9.21 4.89
CA ASP B 314 -12.49 9.12 4.24
C ASP B 314 -12.57 9.64 2.81
N VAL B 315 -11.53 10.37 2.40
CA VAL B 315 -11.44 10.92 1.06
C VAL B 315 -10.63 9.98 0.19
N VAL B 316 -11.18 9.62 -0.97
CA VAL B 316 -10.52 8.76 -1.94
C VAL B 316 -10.39 9.52 -3.24
N ILE B 317 -9.15 9.60 -3.75
CA ILE B 317 -8.86 10.27 -5.01
C ILE B 317 -8.67 9.21 -6.08
N ALA B 318 -9.51 9.26 -7.12
CA ALA B 318 -9.44 8.30 -8.22
C ALA B 318 -8.60 8.92 -9.34
N TRP B 319 -7.40 8.39 -9.54
CA TRP B 319 -6.51 8.88 -10.59
C TRP B 319 -6.83 8.15 -11.89
N MET B 320 -7.43 8.86 -12.85
CA MET B 320 -7.89 8.23 -14.08
C MET B 320 -6.81 8.19 -15.15
N SER B 321 -6.04 9.27 -15.31
CA SER B 321 -4.91 9.25 -16.24
C SER B 321 -3.91 8.15 -15.89
N ALA B 322 -3.84 7.76 -14.62
CA ALA B 322 -2.98 6.66 -14.21
C ALA B 322 -3.59 5.31 -14.58
N CYS B 323 -4.89 5.14 -14.30
CA CYS B 323 -5.53 3.86 -14.56
C CYS B 323 -5.68 3.59 -16.06
N ASN B 324 -5.56 4.61 -16.91
CA ASN B 324 -5.54 4.39 -18.35
C ASN B 324 -4.26 3.71 -18.80
N MET B 325 -3.29 3.53 -17.91
CA MET B 325 -2.03 2.83 -18.19
C MET B 325 -1.98 1.47 -17.50
N ASP B 326 -3.12 0.95 -17.07
CA ASP B 326 -3.16 -0.30 -16.33
C ASP B 326 -3.14 -1.47 -17.32
N HIS B 327 -2.07 -2.25 -17.29
CA HIS B 327 -1.94 -3.38 -18.22
C HIS B 327 -2.99 -4.46 -17.98
N ARG B 328 -3.62 -4.47 -16.80
CA ARG B 328 -4.71 -5.41 -16.56
C ARG B 328 -5.92 -5.13 -17.44
N MET B 329 -6.04 -3.92 -17.97
CA MET B 329 -7.12 -3.55 -18.87
C MET B 329 -6.66 -3.21 -20.29
N PHE B 330 -5.55 -2.49 -20.42
CA PHE B 330 -5.05 -2.05 -21.73
C PHE B 330 -3.76 -2.81 -22.03
N ASP B 331 -3.78 -3.66 -23.04
CA ASP B 331 -2.61 -4.44 -23.42
C ASP B 331 -1.53 -3.52 -23.97
N ASP B 332 -0.30 -3.69 -23.47
CA ASP B 332 0.85 -2.86 -23.84
C ASP B 332 0.52 -1.41 -23.55
N PRO B 333 0.29 -1.04 -22.28
CA PRO B 333 -0.35 0.24 -21.99
C PRO B 333 0.52 1.46 -22.18
N PHE B 334 1.84 1.32 -22.15
CA PHE B 334 2.72 2.48 -22.25
C PHE B 334 3.12 2.80 -23.68
N SER B 335 2.52 2.13 -24.65
CA SER B 335 2.76 2.40 -26.06
C SER B 335 1.49 2.93 -26.70
N ILE B 336 1.66 3.80 -27.71
CA ILE B 336 0.53 4.32 -28.47
C ILE B 336 0.12 3.27 -29.51
N ASN B 337 -1.18 2.99 -29.58
CA ASN B 337 -1.69 2.01 -30.52
C ASN B 337 -3.15 2.36 -30.79
N ILE B 338 -3.40 3.04 -31.92
CA ILE B 338 -4.76 3.44 -32.27
C ILE B 338 -5.60 2.28 -32.79
N HIS B 339 -5.05 1.07 -32.80
CA HIS B 339 -5.78 -0.11 -33.21
C HIS B 339 -6.10 -1.04 -32.06
N ARG B 340 -5.71 -0.68 -30.83
CA ARG B 340 -6.13 -1.41 -29.65
C ARG B 340 -7.66 -1.45 -29.61
N PRO B 341 -8.27 -2.64 -29.56
CA PRO B 341 -9.72 -2.71 -29.78
C PRO B 341 -10.56 -2.15 -28.64
N ASN B 342 -9.99 -1.94 -27.45
CA ASN B 342 -10.76 -1.48 -26.30
C ASN B 342 -10.27 -0.12 -25.80
N ASN B 343 -9.73 0.71 -26.70
CA ASN B 343 -9.26 2.03 -26.31
C ASN B 343 -10.38 2.90 -25.75
N LYS B 344 -11.64 2.62 -26.12
CA LYS B 344 -12.75 3.48 -25.73
C LYS B 344 -13.18 3.28 -24.28
N LYS B 345 -12.66 2.26 -23.59
CA LYS B 345 -13.04 1.99 -22.22
C LYS B 345 -12.16 2.73 -21.20
N HIS B 346 -11.41 3.74 -21.64
CA HIS B 346 -10.65 4.56 -20.71
C HIS B 346 -11.60 5.37 -19.84
N LEU B 347 -11.05 5.96 -18.78
CA LEU B 347 -11.85 6.65 -17.78
C LEU B 347 -11.53 8.14 -17.70
N THR B 348 -11.08 8.72 -18.81
CA THR B 348 -10.81 10.16 -18.83
C THR B 348 -12.09 10.96 -18.69
N PHE B 349 -13.20 10.43 -19.16
CA PHE B 349 -14.50 11.08 -19.03
C PHE B 349 -15.28 10.61 -17.80
N GLY B 350 -14.67 9.83 -16.93
CA GLY B 350 -15.33 9.36 -15.73
C GLY B 350 -16.07 8.06 -15.93
N ASN B 351 -16.96 7.78 -14.99
CA ASN B 351 -17.76 6.56 -15.01
C ASN B 351 -18.90 6.72 -14.01
N GLY B 352 -20.00 6.03 -14.28
CA GLY B 352 -21.15 6.02 -13.39
C GLY B 352 -22.13 7.13 -13.69
N PRO B 353 -22.86 7.59 -12.66
CA PRO B 353 -23.86 8.63 -12.91
C PRO B 353 -23.28 9.98 -13.27
N HIS B 354 -22.04 10.27 -12.84
CA HIS B 354 -21.41 11.54 -13.13
C HIS B 354 -20.57 11.51 -14.42
N PHE B 355 -20.82 10.53 -15.30
CA PHE B 355 -20.08 10.46 -16.55
C PHE B 355 -20.24 11.74 -17.34
N CYS B 356 -19.12 12.22 -17.90
CA CYS B 356 -19.06 13.52 -18.57
C CYS B 356 -20.21 13.71 -19.54
N LEU B 357 -21.01 14.75 -19.31
CA LEU B 357 -22.15 15.02 -20.17
C LEU B 357 -21.74 15.61 -21.51
N GLY B 358 -20.61 16.31 -21.55
CA GLY B 358 -20.13 16.91 -22.78
C GLY B 358 -19.08 16.08 -23.48
N ALA B 359 -19.07 14.77 -23.18
CA ALA B 359 -18.07 13.90 -23.80
C ALA B 359 -18.25 13.78 -25.31
N PRO B 360 -19.47 13.55 -25.84
CA PRO B 360 -19.61 13.52 -27.31
C PRO B 360 -19.23 14.84 -27.97
N LEU B 361 -19.47 15.97 -27.30
CA LEU B 361 -19.10 17.26 -27.87
C LEU B 361 -17.58 17.39 -27.96
N ALA B 362 -16.87 17.03 -26.89
CA ALA B 362 -15.41 17.06 -26.90
C ALA B 362 -14.85 16.14 -27.98
N ARG B 363 -15.42 14.94 -28.10
CA ARG B 363 -14.99 14.01 -29.14
C ARG B 363 -15.20 14.60 -30.54
N LEU B 364 -16.33 15.28 -30.73
CA LEU B 364 -16.61 15.90 -32.02
C LEU B 364 -15.65 17.06 -32.29
N GLU B 365 -15.36 17.88 -31.27
CA GLU B 365 -14.43 18.98 -31.43
C GLU B 365 -13.04 18.49 -31.78
N MET B 366 -12.57 17.44 -31.12
CA MET B 366 -11.24 16.92 -31.40
C MET B 366 -11.15 16.31 -32.79
N LYS B 367 -12.15 15.49 -33.16
CA LYS B 367 -12.15 14.89 -34.49
C LYS B 367 -12.19 15.94 -35.58
N ILE B 368 -13.05 16.96 -35.42
CA ILE B 368 -13.20 17.97 -36.46
C ILE B 368 -11.93 18.81 -36.58
N ALA B 369 -11.34 19.20 -35.45
CA ALA B 369 -10.08 19.95 -35.50
C ALA B 369 -8.96 19.13 -36.12
N LEU B 370 -8.97 17.82 -35.90
CA LEU B 370 -7.94 16.96 -36.47
C LEU B 370 -8.18 16.68 -37.94
N GLU B 371 -9.43 16.36 -38.30
CA GLU B 371 -9.76 16.10 -39.69
C GLU B 371 -9.47 17.31 -40.58
N THR B 372 -9.96 18.48 -40.18
CA THR B 372 -9.76 19.68 -40.99
C THR B 372 -8.28 20.01 -41.13
N PHE B 373 -7.47 19.68 -40.12
CA PHE B 373 -6.04 19.97 -40.18
C PHE B 373 -5.31 19.00 -41.10
N VAL B 374 -5.48 17.70 -40.87
CA VAL B 374 -4.77 16.70 -41.65
C VAL B 374 -5.21 16.72 -43.11
N LYS B 375 -6.42 17.20 -43.40
CA LYS B 375 -6.88 17.28 -44.78
C LYS B 375 -6.15 18.36 -45.56
N LYS B 376 -5.62 19.38 -44.89
CA LYS B 376 -4.96 20.48 -45.56
C LYS B 376 -3.45 20.25 -45.72
N PHE B 377 -2.78 19.79 -44.66
CA PHE B 377 -1.32 19.71 -44.64
C PHE B 377 -0.87 18.27 -44.86
N SER B 378 0.13 18.10 -45.72
CA SER B 378 0.63 16.77 -46.05
C SER B 378 1.55 16.21 -44.98
N SER B 379 2.23 17.08 -44.22
CA SER B 379 3.14 16.63 -43.16
C SER B 379 3.43 17.79 -42.22
N ILE B 380 3.81 17.44 -40.99
CA ILE B 380 4.19 18.40 -39.97
C ILE B 380 5.55 18.00 -39.42
N GLU B 381 6.29 19.00 -38.93
CA GLU B 381 7.64 18.77 -38.40
C GLU B 381 7.91 19.69 -37.23
N PRO B 382 8.50 19.18 -36.15
CA PRO B 382 8.81 20.03 -34.99
C PRO B 382 9.88 21.06 -35.31
N VAL B 383 10.09 21.97 -34.36
CA VAL B 383 10.95 23.13 -34.51
C VAL B 383 12.26 22.90 -33.75
N GLU B 384 13.32 23.56 -34.21
CA GLU B 384 14.69 23.24 -33.82
C GLU B 384 14.89 23.36 -32.30
N GLY B 385 14.62 24.53 -31.74
CA GLY B 385 15.03 24.81 -30.38
C GLY B 385 13.95 24.71 -29.33
N PHE B 386 12.97 23.83 -29.52
CA PHE B 386 11.86 23.75 -28.59
C PHE B 386 12.28 23.07 -27.29
N GLU B 387 12.03 23.76 -26.17
CA GLU B 387 12.27 23.23 -24.84
C GLU B 387 10.93 23.07 -24.14
N LEU B 388 10.60 21.84 -23.76
CA LEU B 388 9.30 21.58 -23.15
C LEU B 388 9.14 22.32 -21.83
N GLU B 389 10.22 22.44 -21.06
CA GLU B 389 10.12 23.04 -19.73
C GLU B 389 9.84 24.55 -19.80
N LYS B 390 10.31 25.21 -20.86
CA LYS B 390 10.17 26.66 -20.98
C LYS B 390 8.82 27.08 -21.56
N ASN B 391 7.96 26.14 -21.93
CA ASN B 391 6.68 26.47 -22.57
C ASN B 391 5.53 25.76 -21.86
N LEU B 392 5.59 25.71 -20.53
CA LEU B 392 4.54 25.12 -19.72
C LEU B 392 4.11 26.12 -18.66
N THR B 393 2.81 26.12 -18.36
CA THR B 393 2.26 26.94 -17.30
C THR B 393 1.31 26.09 -16.45
N ALA B 394 1.10 26.53 -15.22
CA ALA B 394 0.22 25.81 -14.31
C ALA B 394 -1.23 25.91 -14.79
N SER B 395 -1.98 24.85 -14.54
CA SER B 395 -3.37 24.76 -15.00
C SER B 395 -4.13 23.83 -14.05
N ALA B 396 -5.39 23.55 -14.40
CA ALA B 396 -6.22 22.71 -13.55
C ALA B 396 -5.76 21.26 -13.58
N THR B 397 -5.37 20.76 -14.75
CA THR B 397 -4.93 19.38 -14.86
C THR B 397 -3.47 19.18 -14.47
N GLY B 398 -2.70 20.26 -14.37
CA GLY B 398 -1.30 20.17 -13.99
C GLY B 398 -0.43 21.16 -14.72
N GLN B 399 0.02 20.81 -15.92
CA GLN B 399 0.84 21.68 -16.75
C GLN B 399 0.30 21.65 -18.17
N SER B 400 0.17 22.83 -18.78
CA SER B 400 -0.37 22.96 -20.12
C SER B 400 0.62 23.69 -21.01
N LEU B 401 0.62 23.33 -22.30
CA LEU B 401 1.47 23.99 -23.27
C LEU B 401 1.02 25.43 -23.46
N THR B 402 1.95 26.37 -23.25
CA THR B 402 1.65 27.77 -23.52
C THR B 402 1.63 28.04 -25.02
N ASN B 403 2.55 27.42 -25.76
CA ASN B 403 2.57 27.47 -27.20
C ASN B 403 3.22 26.20 -27.70
N LEU B 404 3.07 25.92 -28.99
CA LEU B 404 3.62 24.71 -29.59
C LEU B 404 4.02 25.01 -31.02
N PRO B 405 5.28 25.42 -31.23
CA PRO B 405 5.74 25.70 -32.59
C PRO B 405 5.79 24.43 -33.43
N MET B 406 5.49 24.60 -34.71
CA MET B 406 5.62 23.50 -35.67
C MET B 406 5.70 24.10 -37.06
N ASN B 407 6.34 23.38 -37.96
CA ASN B 407 6.35 23.72 -39.38
C ASN B 407 5.35 22.82 -40.11
N VAL B 408 4.53 23.43 -40.96
CA VAL B 408 3.50 22.71 -41.70
C VAL B 408 3.81 22.82 -43.19
N TYR B 409 3.38 21.81 -43.94
CA TYR B 409 3.72 21.72 -45.35
C TYR B 409 2.49 21.27 -46.12
N LYS B 410 2.31 21.85 -47.31
CA LYS B 410 1.12 21.59 -48.11
C LYS B 410 1.23 20.27 -48.87
#